data_1YW4
#
_entry.id   1YW4
#
_cell.length_a   62.950
_cell.length_b   39.435
_cell.length_c   131.585
_cell.angle_alpha   90.00
_cell.angle_beta   94.74
_cell.angle_gamma   90.00
#
_symmetry.space_group_name_H-M   'P 1 21 1'
#
loop_
_entity.id
_entity.type
_entity.pdbx_description
1 polymer 'Succinylglutamate desuccinylase'
2 non-polymer 'ZINC ION'
3 water water
#
_entity_poly.entity_id   1
_entity_poly.type   'polypeptide(L)'
_entity_poly.pdbx_seq_one_letter_code
;(MSE)THSPSFLQHALSSSDTRAEWPLPGGLAARWLAPGCVELNGDARGADSVLLSCGVHGNETAPIEVVDG(MSE)LTD
IAAGQLALNCRLLV(MSE)FANLDAIRQGVRYGNYD(MSE)NRLFNGAHARHPELPESVRAAELETLAAEFFAGARARKL
HYDLHTAIRGSVFEKFAIYPFLHDGRTHKREQLAWLQRCGIEAVLLHTQPANTFSYFTSQYCEADAFTLELGKARPFGQN
DLSRFSGIDGALRGLLSNPQANVPDLDEDKLPLFRAKYDLVKHSEAFKLNLADSVENFTLLPDG(MSE)LIAEDGAVRYQ
ATGGEERILFPNPAVKPGLRAGIVVEPARLPSRLEHHHHHH
;
_entity_poly.pdbx_strand_id   A,B
#
loop_
_chem_comp.id
_chem_comp.type
_chem_comp.name
_chem_comp.formula
ZN non-polymer 'ZINC ION' 'Zn 2'
#
# COMPACT_ATOMS: atom_id res chain seq x y z
N THR A 2 51.67 -24.87 -4.90
CA THR A 2 50.30 -25.11 -4.36
C THR A 2 49.53 -23.78 -4.32
N HIS A 3 48.27 -23.84 -3.90
CA HIS A 3 47.45 -22.62 -3.81
C HIS A 3 46.82 -22.51 -2.43
N SER A 4 46.43 -21.28 -2.08
CA SER A 4 45.81 -21.02 -0.79
C SER A 4 44.53 -21.82 -0.57
N PRO A 5 44.31 -22.31 0.66
CA PRO A 5 43.11 -23.08 0.96
C PRO A 5 41.91 -22.14 1.00
N SER A 6 42.21 -20.85 1.10
CA SER A 6 41.19 -19.80 1.13
C SER A 6 40.99 -19.20 -0.25
N PHE A 7 39.77 -19.28 -0.77
CA PHE A 7 39.45 -18.73 -2.07
C PHE A 7 39.62 -17.21 -1.99
N LEU A 8 39.20 -16.64 -0.87
CA LEU A 8 39.29 -15.19 -0.66
C LEU A 8 40.72 -14.69 -0.73
N GLN A 9 41.63 -15.34 0.00
CA GLN A 9 43.02 -14.94 0.01
C GLN A 9 43.67 -15.09 -1.36
N HIS A 10 43.28 -16.11 -2.09
CA HIS A 10 43.82 -16.33 -3.42
C HIS A 10 43.46 -15.11 -4.28
N ALA A 11 42.20 -14.69 -4.18
CA ALA A 11 41.67 -13.55 -4.91
C ALA A 11 42.38 -12.25 -4.54
N LEU A 12 42.63 -12.07 -3.24
CA LEU A 12 43.31 -10.87 -2.78
C LEU A 12 44.79 -10.90 -3.13
N SER A 13 45.44 -12.04 -2.90
CA SER A 13 46.86 -12.18 -3.19
C SER A 13 47.13 -12.43 -4.66
N SER A 14 46.04 -12.47 -5.44
CA SER A 14 46.11 -12.67 -6.89
C SER A 14 47.25 -13.59 -7.30
N SER A 15 47.28 -14.78 -6.73
CA SER A 15 48.33 -15.75 -7.05
C SER A 15 48.39 -15.99 -8.55
N ASP A 16 47.23 -16.19 -9.17
CA ASP A 16 47.15 -16.42 -10.60
C ASP A 16 46.14 -15.45 -11.19
N THR A 17 45.20 -15.98 -11.98
CA THR A 17 44.16 -15.17 -12.60
C THR A 17 42.95 -16.02 -13.08
N ARG A 18 43.20 -16.94 -14.00
CA ARG A 18 42.15 -17.79 -14.53
C ARG A 18 42.46 -19.27 -14.36
N ALA A 19 43.07 -19.60 -13.22
CA ALA A 19 43.42 -20.99 -12.93
C ALA A 19 42.20 -21.82 -12.58
N GLU A 20 42.32 -23.14 -12.69
CA GLU A 20 41.23 -24.04 -12.34
C GLU A 20 41.73 -25.00 -11.27
N TRP A 21 40.91 -25.18 -10.23
CA TRP A 21 41.26 -26.08 -9.13
C TRP A 21 40.35 -27.29 -9.13
N PRO A 22 40.92 -28.48 -8.92
CA PRO A 22 40.08 -29.69 -8.90
C PRO A 22 39.22 -29.72 -7.64
N LEU A 23 37.98 -30.18 -7.78
CA LEU A 23 37.07 -30.31 -6.65
C LEU A 23 36.71 -31.78 -6.46
N PRO A 24 36.50 -32.20 -5.20
CA PRO A 24 36.15 -33.59 -4.94
C PRO A 24 34.91 -34.01 -5.74
N GLY A 25 35.00 -35.17 -6.39
CA GLY A 25 33.90 -35.65 -7.19
C GLY A 25 34.13 -35.40 -8.67
N GLY A 26 35.35 -35.00 -9.02
CA GLY A 26 35.69 -34.74 -10.40
C GLY A 26 35.25 -33.36 -10.88
N LEU A 27 34.71 -32.57 -9.95
CA LEU A 27 34.23 -31.24 -10.28
C LEU A 27 35.40 -30.24 -10.33
N ALA A 28 35.12 -29.00 -10.71
CA ALA A 28 36.20 -28.04 -10.78
C ALA A 28 35.77 -26.61 -10.43
N ALA A 29 36.75 -25.83 -10.00
CA ALA A 29 36.51 -24.44 -9.65
C ALA A 29 37.31 -23.64 -10.66
N ARG A 30 36.61 -22.80 -11.43
CA ARG A 30 37.26 -21.99 -12.46
C ARG A 30 37.26 -20.51 -12.13
N TRP A 31 38.45 -19.92 -12.08
CA TRP A 31 38.55 -18.49 -11.83
C TRP A 31 38.30 -17.81 -13.17
N LEU A 32 37.18 -17.09 -13.25
CA LEU A 32 36.78 -16.41 -14.47
C LEU A 32 37.36 -15.01 -14.58
N ALA A 33 37.74 -14.44 -13.45
CA ALA A 33 38.31 -13.11 -13.39
C ALA A 33 38.78 -12.94 -11.95
N PRO A 34 39.42 -11.79 -11.63
CA PRO A 34 39.88 -11.60 -10.26
C PRO A 34 38.71 -11.69 -9.30
N GLY A 35 38.85 -12.48 -8.25
CA GLY A 35 37.77 -12.61 -7.29
C GLY A 35 36.47 -13.25 -7.78
N CYS A 36 36.47 -13.81 -8.99
CA CYS A 36 35.26 -14.46 -9.50
C CYS A 36 35.59 -15.92 -9.79
N VAL A 37 34.89 -16.82 -9.10
CA VAL A 37 35.13 -18.25 -9.28
C VAL A 37 33.83 -19.06 -9.43
N GLU A 38 33.79 -19.87 -10.46
CA GLU A 38 32.64 -20.70 -10.77
C GLU A 38 32.91 -22.17 -10.42
N LEU A 39 32.02 -22.77 -9.63
CA LEU A 39 32.18 -24.16 -9.23
C LEU A 39 31.01 -24.99 -9.75
N ASN A 40 31.31 -26.17 -10.27
CA ASN A 40 30.28 -27.08 -10.80
C ASN A 40 29.45 -26.40 -11.90
N GLY A 41 30.10 -25.50 -12.64
CA GLY A 41 29.41 -24.79 -13.70
C GLY A 41 28.86 -25.69 -14.81
N ASP A 42 29.53 -26.81 -15.08
CA ASP A 42 29.07 -27.73 -16.11
C ASP A 42 27.86 -28.56 -15.72
N ALA A 43 27.35 -28.37 -14.51
CA ALA A 43 26.19 -29.12 -14.02
C ALA A 43 24.91 -28.68 -14.73
N ARG A 44 24.61 -29.32 -15.86
CA ARG A 44 23.43 -29.00 -16.63
C ARG A 44 22.15 -29.36 -15.88
N GLY A 45 21.12 -28.54 -16.05
CA GLY A 45 19.86 -28.79 -15.38
C GLY A 45 19.83 -28.49 -13.89
N ALA A 46 20.97 -28.13 -13.32
CA ALA A 46 21.02 -27.82 -11.89
C ALA A 46 20.70 -26.36 -11.62
N ASP A 47 20.19 -26.06 -10.43
CA ASP A 47 19.86 -24.68 -10.08
C ASP A 47 21.14 -23.87 -10.11
N SER A 48 21.04 -22.61 -10.52
CA SER A 48 22.20 -21.74 -10.60
C SER A 48 22.17 -20.70 -9.50
N VAL A 49 23.25 -20.65 -8.71
CA VAL A 49 23.32 -19.72 -7.61
C VAL A 49 24.47 -18.72 -7.73
N LEU A 50 24.15 -17.44 -7.59
CA LEU A 50 25.15 -16.38 -7.64
C LEU A 50 25.23 -15.75 -6.26
N LEU A 51 26.40 -15.84 -5.63
CA LEU A 51 26.58 -15.23 -4.32
C LEU A 51 27.65 -14.14 -4.48
N SER A 52 27.27 -12.91 -4.22
CA SER A 52 28.23 -11.83 -4.32
C SER A 52 28.38 -11.23 -2.93
N CYS A 53 29.61 -10.88 -2.57
CA CYS A 53 29.89 -10.29 -1.27
C CYS A 53 31.02 -9.30 -1.43
N GLY A 54 31.21 -8.43 -0.47
CA GLY A 54 32.29 -7.46 -0.60
C GLY A 54 32.02 -6.41 -1.66
N VAL A 55 30.76 -6.17 -2.01
CA VAL A 55 30.45 -5.11 -2.96
C VAL A 55 30.98 -3.86 -2.24
N HIS A 56 30.83 -3.87 -0.92
CA HIS A 56 31.35 -2.83 -0.04
C HIS A 56 32.45 -3.56 0.73
N GLY A 57 33.68 -3.09 0.58
CA GLY A 57 34.83 -3.73 1.21
C GLY A 57 34.92 -3.83 2.72
N ASN A 58 34.12 -3.03 3.43
CA ASN A 58 34.14 -3.05 4.89
C ASN A 58 33.09 -3.99 5.50
N GLU A 59 32.28 -4.62 4.65
CA GLU A 59 31.24 -5.54 5.14
C GLU A 59 31.78 -6.97 4.97
N THR A 60 32.67 -7.35 5.89
CA THR A 60 33.36 -8.62 5.84
C THR A 60 32.68 -9.89 6.35
N ALA A 61 31.69 -9.75 7.23
CA ALA A 61 31.01 -10.93 7.74
C ALA A 61 30.58 -11.88 6.62
N PRO A 62 29.78 -11.38 5.64
CA PRO A 62 29.37 -12.28 4.56
C PRO A 62 30.54 -12.88 3.79
N ILE A 63 31.63 -12.12 3.67
CA ILE A 63 32.84 -12.57 2.97
C ILE A 63 33.42 -13.81 3.65
N GLU A 64 33.56 -13.78 4.97
CA GLU A 64 34.11 -14.91 5.72
C GLU A 64 33.18 -16.12 5.62
N VAL A 65 31.87 -15.89 5.66
CA VAL A 65 30.90 -16.99 5.57
C VAL A 65 30.97 -17.67 4.20
N VAL A 66 31.10 -16.87 3.15
CA VAL A 66 31.20 -17.43 1.81
C VAL A 66 32.51 -18.20 1.68
N ASP A 67 33.61 -17.55 2.06
CA ASP A 67 34.92 -18.18 1.97
C ASP A 67 34.97 -19.51 2.74
N GLY A 68 34.32 -19.56 3.90
CA GLY A 68 34.30 -20.78 4.68
C GLY A 68 33.62 -21.91 3.93
N MSE A 69 32.51 -21.59 3.27
CA MSE A 69 31.77 -22.56 2.48
C MSE A 69 32.62 -23.09 1.34
O MSE A 69 32.64 -24.28 1.09
CB MSE A 69 30.49 -21.94 1.89
CG MSE A 69 29.43 -21.56 2.90
SE MSE A 69 27.75 -21.13 2.01
CE MSE A 69 28.30 -19.53 1.08
N LEU A 70 33.33 -22.20 0.64
CA LEU A 70 34.18 -22.62 -0.47
C LEU A 70 35.29 -23.57 0.00
N THR A 71 35.89 -23.26 1.14
CA THR A 71 36.94 -24.12 1.67
C THR A 71 36.38 -25.50 2.01
N ASP A 72 35.16 -25.54 2.57
CA ASP A 72 34.56 -26.83 2.91
C ASP A 72 34.25 -27.64 1.66
N ILE A 73 33.82 -26.97 0.59
CA ILE A 73 33.51 -27.65 -0.64
C ILE A 73 34.79 -28.26 -1.22
N ALA A 74 35.85 -27.46 -1.27
CA ALA A 74 37.13 -27.91 -1.79
C ALA A 74 37.76 -28.97 -0.89
N ALA A 75 37.29 -29.04 0.36
CA ALA A 75 37.81 -30.01 1.32
C ALA A 75 37.00 -31.30 1.27
N GLY A 76 35.77 -31.21 0.76
CA GLY A 76 34.91 -32.38 0.70
C GLY A 76 34.00 -32.47 1.91
N GLN A 77 33.98 -31.39 2.69
CA GLN A 77 33.16 -31.30 3.90
C GLN A 77 31.73 -30.91 3.53
N LEU A 78 31.59 -30.20 2.42
CA LEU A 78 30.28 -29.76 1.94
C LEU A 78 30.07 -30.20 0.49
N ALA A 79 28.89 -30.70 0.20
CA ALA A 79 28.57 -31.16 -1.16
C ALA A 79 27.99 -30.02 -1.98
N LEU A 80 28.29 -30.03 -3.28
CA LEU A 80 27.79 -29.00 -4.18
C LEU A 80 27.00 -29.61 -5.32
N ASN A 81 25.71 -29.28 -5.39
CA ASN A 81 24.84 -29.81 -6.44
C ASN A 81 24.14 -28.71 -7.23
N CYS A 82 24.77 -27.55 -7.30
CA CYS A 82 24.22 -26.43 -8.05
C CYS A 82 25.34 -25.78 -8.83
N ARG A 83 24.96 -24.96 -9.82
CA ARG A 83 25.95 -24.21 -10.58
C ARG A 83 26.17 -23.02 -9.65
N LEU A 84 27.39 -22.86 -9.16
CA LEU A 84 27.70 -21.78 -8.23
C LEU A 84 28.76 -20.80 -8.72
N LEU A 85 28.42 -19.52 -8.67
CA LEU A 85 29.37 -18.47 -9.04
C LEU A 85 29.55 -17.57 -7.81
N VAL A 86 30.77 -17.49 -7.30
CA VAL A 86 31.06 -16.64 -6.16
C VAL A 86 31.84 -15.41 -6.64
N MSE A 87 31.41 -14.24 -6.19
CA MSE A 87 32.05 -13.00 -6.55
C MSE A 87 32.48 -12.17 -5.34
O MSE A 87 31.65 -11.77 -4.52
CB MSE A 87 31.13 -12.13 -7.38
CG MSE A 87 30.81 -12.65 -8.75
SE MSE A 87 29.68 -11.40 -9.67
CE MSE A 87 30.28 -11.62 -11.45
N PHE A 88 33.78 -11.94 -5.21
CA PHE A 88 34.31 -11.07 -4.16
C PHE A 88 34.34 -9.80 -5.02
N ALA A 89 33.26 -9.04 -4.93
CA ALA A 89 33.02 -7.86 -5.75
C ALA A 89 34.01 -6.72 -5.86
N ASN A 90 34.20 -5.98 -4.77
CA ASN A 90 35.12 -4.87 -4.81
C ASN A 90 36.42 -5.28 -4.15
N LEU A 91 37.30 -5.93 -4.92
CA LEU A 91 38.57 -6.41 -4.38
C LEU A 91 39.45 -5.36 -3.72
N ASP A 92 39.66 -4.24 -4.40
CA ASP A 92 40.48 -3.16 -3.87
C ASP A 92 39.92 -2.67 -2.55
N ALA A 93 38.61 -2.48 -2.49
CA ALA A 93 37.97 -2.00 -1.27
C ALA A 93 38.12 -3.04 -0.16
N ILE A 94 38.00 -4.31 -0.51
CA ILE A 94 38.14 -5.37 0.49
C ILE A 94 39.57 -5.35 1.03
N ARG A 95 40.55 -5.35 0.13
CA ARG A 95 41.93 -5.33 0.54
C ARG A 95 42.24 -4.10 1.43
N GLN A 96 41.58 -2.98 1.17
CA GLN A 96 41.80 -1.75 1.95
C GLN A 96 40.90 -1.61 3.19
N GLY A 97 39.86 -2.43 3.26
CA GLY A 97 38.95 -2.37 4.39
C GLY A 97 38.00 -1.18 4.35
N VAL A 98 37.76 -0.65 3.15
CA VAL A 98 36.88 0.50 3.00
C VAL A 98 35.61 0.17 2.21
N ARG A 99 34.58 0.98 2.37
CA ARG A 99 33.32 0.78 1.67
C ARG A 99 33.56 0.84 0.16
N TYR A 100 34.35 1.84 -0.26
CA TYR A 100 34.70 2.01 -1.66
C TYR A 100 35.87 2.99 -1.78
N GLY A 101 36.54 2.97 -2.92
CA GLY A 101 37.67 3.86 -3.12
C GLY A 101 37.30 5.20 -3.71
N ASN A 102 36.57 5.19 -4.81
CA ASN A 102 36.18 6.43 -5.49
C ASN A 102 34.67 6.62 -5.55
N TYR A 103 33.95 5.54 -5.81
CA TYR A 103 32.50 5.59 -5.93
C TYR A 103 31.86 4.28 -5.44
N ASP A 104 30.70 4.41 -4.79
CA ASP A 104 29.95 3.26 -4.26
C ASP A 104 29.60 2.32 -5.43
N MSE A 105 30.20 1.14 -5.44
CA MSE A 105 29.94 0.19 -6.51
C MSE A 105 28.48 -0.19 -6.59
O MSE A 105 27.97 -0.44 -7.69
CB MSE A 105 30.81 -1.06 -6.36
CG MSE A 105 30.68 -2.04 -7.53
SE MSE A 105 32.05 -3.41 -7.48
CE MSE A 105 33.54 -2.32 -8.05
N ASN A 106 27.78 -0.24 -5.47
CA ASN A 106 26.38 -0.62 -5.58
C ASN A 106 25.51 0.52 -6.07
N ARG A 107 26.16 1.48 -6.70
CA ARG A 107 25.47 2.60 -7.31
C ARG A 107 25.96 2.64 -8.76
N LEU A 108 26.78 1.66 -9.13
CA LEU A 108 27.33 1.60 -10.49
C LEU A 108 26.81 0.47 -11.39
N PHE A 109 25.87 -0.31 -10.87
CA PHE A 109 25.29 -1.39 -11.66
C PHE A 109 24.08 -0.86 -12.47
N ASN A 110 23.43 -1.76 -13.19
CA ASN A 110 22.29 -1.40 -14.04
C ASN A 110 22.76 -0.43 -15.12
N GLY A 111 24.03 -0.55 -15.49
CA GLY A 111 24.62 0.29 -16.52
C GLY A 111 25.12 1.65 -16.07
N ALA A 112 24.89 1.99 -14.81
CA ALA A 112 25.32 3.28 -14.27
C ALA A 112 26.84 3.50 -14.32
N HIS A 113 27.60 2.42 -14.48
CA HIS A 113 29.06 2.53 -14.56
C HIS A 113 29.47 3.35 -15.79
N ALA A 114 28.62 3.40 -16.80
CA ALA A 114 28.94 4.15 -18.01
C ALA A 114 29.17 5.63 -17.72
N ARG A 115 28.42 6.17 -16.76
CA ARG A 115 28.55 7.59 -16.39
C ARG A 115 29.92 7.96 -15.82
N HIS A 116 30.65 6.97 -15.31
CA HIS A 116 31.97 7.23 -14.74
C HIS A 116 33.00 6.22 -15.25
N PRO A 117 33.23 6.20 -16.58
CA PRO A 117 34.19 5.28 -17.18
C PRO A 117 35.62 5.46 -16.70
N GLU A 118 35.90 6.61 -16.10
CA GLU A 118 37.25 6.90 -15.60
C GLU A 118 37.53 6.21 -14.27
N LEU A 119 36.53 5.51 -13.73
CA LEU A 119 36.69 4.84 -12.44
C LEU A 119 36.89 3.33 -12.54
N PRO A 120 37.92 2.81 -11.86
CA PRO A 120 38.21 1.38 -11.87
C PRO A 120 37.01 0.60 -11.33
N GLU A 121 36.27 1.20 -10.40
CA GLU A 121 35.09 0.53 -9.84
C GLU A 121 33.97 0.41 -10.88
N SER A 122 34.02 1.28 -11.89
CA SER A 122 33.03 1.24 -12.96
C SER A 122 33.39 0.12 -13.93
N VAL A 123 34.68 -0.02 -14.21
CA VAL A 123 35.14 -1.07 -15.10
C VAL A 123 34.81 -2.42 -14.43
N ARG A 124 35.05 -2.51 -13.14
CA ARG A 124 34.80 -3.73 -12.40
C ARG A 124 33.30 -4.06 -12.37
N ALA A 125 32.47 -3.05 -12.14
CA ALA A 125 31.04 -3.26 -12.13
C ALA A 125 30.56 -3.83 -13.46
N ALA A 126 31.06 -3.27 -14.58
CA ALA A 126 30.66 -3.75 -15.91
C ALA A 126 31.10 -5.19 -16.13
N GLU A 127 32.29 -5.52 -15.63
CA GLU A 127 32.82 -6.88 -15.76
C GLU A 127 31.92 -7.86 -15.00
N LEU A 128 31.51 -7.46 -13.79
CA LEU A 128 30.66 -8.31 -12.95
C LEU A 128 29.27 -8.51 -13.57
N GLU A 129 28.75 -7.47 -14.23
CA GLU A 129 27.45 -7.55 -14.89
C GLU A 129 27.55 -8.59 -16.01
N THR A 130 28.57 -8.44 -16.83
CA THR A 130 28.78 -9.36 -17.95
C THR A 130 28.93 -10.81 -17.49
N LEU A 131 29.80 -11.04 -16.51
CA LEU A 131 30.00 -12.39 -15.97
C LEU A 131 28.68 -12.97 -15.45
N ALA A 132 27.93 -12.18 -14.69
CA ALA A 132 26.66 -12.64 -14.16
C ALA A 132 25.71 -12.95 -15.31
N ALA A 133 25.66 -12.08 -16.32
CA ALA A 133 24.78 -12.30 -17.45
C ALA A 133 25.12 -13.62 -18.17
N GLU A 134 26.40 -13.86 -18.42
CA GLU A 134 26.82 -15.08 -19.10
C GLU A 134 26.55 -16.31 -18.23
N PHE A 135 26.71 -16.15 -16.92
CA PHE A 135 26.46 -17.25 -15.99
C PHE A 135 25.00 -17.66 -16.00
N PHE A 136 24.11 -16.69 -15.89
CA PHE A 136 22.69 -17.02 -15.86
C PHE A 136 22.12 -17.43 -17.22
N ALA A 137 22.76 -16.97 -18.28
CA ALA A 137 22.29 -17.32 -19.62
C ALA A 137 22.37 -18.84 -19.82
N GLY A 138 23.31 -19.47 -19.13
CA GLY A 138 23.49 -20.90 -19.25
C GLY A 138 22.63 -21.69 -18.29
N ALA A 139 21.89 -20.99 -17.46
CA ALA A 139 21.02 -21.64 -16.47
C ALA A 139 19.78 -22.28 -17.11
N ARG A 140 19.46 -23.49 -16.69
CA ARG A 140 18.30 -24.19 -17.22
C ARG A 140 17.27 -24.43 -16.14
N ALA A 141 17.69 -24.28 -14.89
CA ALA A 141 16.80 -24.46 -13.75
C ALA A 141 16.60 -23.10 -13.09
N ARG A 142 16.58 -23.06 -11.78
CA ARG A 142 16.38 -21.80 -11.07
C ARG A 142 17.60 -20.88 -11.17
N LYS A 143 17.34 -19.57 -11.16
CA LYS A 143 18.38 -18.55 -11.21
C LYS A 143 18.27 -17.72 -9.92
N LEU A 144 19.21 -17.95 -9.00
CA LEU A 144 19.18 -17.28 -7.71
C LEU A 144 20.42 -16.44 -7.42
N HIS A 145 20.18 -15.21 -6.98
CA HIS A 145 21.26 -14.27 -6.66
C HIS A 145 21.06 -13.60 -5.31
N TYR A 146 22.01 -13.80 -4.41
CA TYR A 146 21.94 -13.18 -3.09
C TYR A 146 23.18 -12.32 -2.98
N ASP A 147 22.94 -11.01 -2.91
CA ASP A 147 24.01 -10.06 -2.77
C ASP A 147 24.04 -9.80 -1.26
N LEU A 148 25.09 -10.28 -0.62
CA LEU A 148 25.27 -10.21 0.82
C LEU A 148 25.95 -8.95 1.36
N HIS A 149 25.28 -8.27 2.29
CA HIS A 149 25.77 -7.03 2.87
C HIS A 149 25.64 -7.00 4.40
N THR A 150 26.34 -6.06 5.01
CA THR A 150 26.23 -5.81 6.46
C THR A 150 26.26 -4.28 6.50
N ALA A 151 25.99 -3.69 7.67
CA ALA A 151 25.96 -2.23 7.75
C ALA A 151 26.40 -1.68 9.10
N ILE A 152 26.81 -0.41 9.12
CA ILE A 152 27.25 0.24 10.35
C ILE A 152 26.03 0.63 11.18
N ARG A 153 25.04 1.27 10.54
CA ARG A 153 23.82 1.70 11.24
C ARG A 153 22.97 0.47 11.53
N GLY A 154 22.52 0.35 12.78
CA GLY A 154 21.69 -0.77 13.18
C GLY A 154 20.28 -0.68 12.64
N SER A 155 19.47 -1.69 12.93
CA SER A 155 18.11 -1.71 12.43
C SER A 155 17.12 -2.40 13.37
N VAL A 156 15.86 -1.98 13.36
CA VAL A 156 14.84 -2.60 14.20
C VAL A 156 14.71 -4.06 13.76
N PHE A 157 14.90 -4.29 12.47
CA PHE A 157 14.84 -5.64 11.92
C PHE A 157 16.27 -6.03 11.59
N GLU A 158 16.95 -6.58 12.59
CA GLU A 158 18.34 -7.02 12.50
C GLU A 158 18.74 -7.43 11.09
N LYS A 159 18.12 -8.49 10.60
CA LYS A 159 18.42 -8.99 9.27
C LYS A 159 17.23 -8.75 8.36
N PHE A 160 17.46 -8.08 7.22
CA PHE A 160 16.38 -7.83 6.29
C PHE A 160 16.84 -7.89 4.85
N ALA A 161 15.87 -8.01 3.94
CA ALA A 161 16.18 -8.11 2.52
C ALA A 161 15.55 -6.98 1.74
N ILE A 162 16.13 -6.69 0.59
CA ILE A 162 15.63 -5.67 -0.32
C ILE A 162 15.24 -6.41 -1.59
N TYR A 163 13.98 -6.29 -1.98
CA TYR A 163 13.47 -6.95 -3.18
C TYR A 163 13.47 -5.92 -4.31
N PRO A 164 14.31 -6.14 -5.33
CA PRO A 164 14.39 -5.23 -6.48
C PRO A 164 13.06 -4.95 -7.16
N PHE A 165 12.98 -3.80 -7.81
CA PHE A 165 11.77 -3.41 -8.53
C PHE A 165 11.50 -4.42 -9.64
N LEU A 166 10.30 -5.00 -9.63
CA LEU A 166 9.91 -5.99 -10.64
C LEU A 166 8.95 -5.34 -11.64
N HIS A 167 9.38 -5.25 -12.91
CA HIS A 167 8.55 -4.66 -13.95
C HIS A 167 7.46 -5.64 -14.40
N ARG A 170 4.45 -12.15 -13.06
CA ARG A 170 5.05 -12.95 -11.99
C ARG A 170 4.91 -12.30 -10.62
N THR A 171 5.13 -11.00 -10.55
CA THR A 171 5.04 -10.27 -9.28
C THR A 171 6.14 -10.81 -8.38
N HIS A 172 6.03 -10.56 -7.07
CA HIS A 172 7.04 -11.04 -6.13
C HIS A 172 6.81 -12.51 -5.78
N LYS A 173 7.84 -13.32 -5.93
CA LYS A 173 7.74 -14.75 -5.64
C LYS A 173 7.78 -15.00 -4.13
N ARG A 174 6.69 -15.53 -3.60
CA ARG A 174 6.62 -15.81 -2.17
C ARG A 174 7.36 -17.07 -1.74
N GLU A 175 7.73 -17.89 -2.72
CA GLU A 175 8.48 -19.11 -2.42
C GLU A 175 9.85 -18.68 -1.88
N GLN A 176 10.40 -17.61 -2.45
CA GLN A 176 11.69 -17.10 -2.01
C GLN A 176 11.54 -16.33 -0.70
N LEU A 177 10.41 -15.65 -0.54
CA LEU A 177 10.16 -14.91 0.69
C LEU A 177 10.12 -15.91 1.83
N ALA A 178 9.63 -17.10 1.54
CA ALA A 178 9.55 -18.15 2.54
C ALA A 178 10.96 -18.58 2.95
N TRP A 179 11.79 -18.86 1.96
CA TRP A 179 13.17 -19.28 2.20
C TRP A 179 13.92 -18.23 3.01
N LEU A 180 13.67 -16.96 2.67
CA LEU A 180 14.29 -15.86 3.37
C LEU A 180 13.81 -15.83 4.81
N GLN A 181 12.50 -15.97 4.99
CA GLN A 181 11.90 -15.96 6.31
C GLN A 181 12.55 -17.03 7.19
N ARG A 182 12.47 -18.28 6.75
CA ARG A 182 13.08 -19.36 7.50
C ARG A 182 14.57 -19.38 7.21
N CYS A 183 15.21 -18.23 7.41
CA CYS A 183 16.63 -18.08 7.18
C CYS A 183 17.18 -17.05 8.15
N GLY A 184 16.28 -16.20 8.66
CA GLY A 184 16.67 -15.17 9.59
C GLY A 184 16.14 -13.80 9.20
N ILE A 185 15.86 -13.60 7.92
CA ILE A 185 15.34 -12.32 7.46
C ILE A 185 14.08 -12.01 8.27
N GLU A 186 14.01 -10.80 8.81
CA GLU A 186 12.87 -10.41 9.64
C GLU A 186 11.96 -9.39 8.95
N ALA A 187 12.37 -8.93 7.77
CA ALA A 187 11.60 -7.94 7.03
C ALA A 187 12.11 -7.81 5.60
N VAL A 188 11.23 -7.40 4.69
CA VAL A 188 11.59 -7.24 3.29
C VAL A 188 11.11 -5.90 2.75
N LEU A 189 12.02 -5.17 2.10
CA LEU A 189 11.68 -3.89 1.49
C LEU A 189 11.50 -4.18 0.00
N LEU A 190 10.35 -3.82 -0.55
CA LEU A 190 10.06 -4.03 -1.96
C LEU A 190 10.29 -2.72 -2.70
N HIS A 191 11.26 -2.72 -3.61
CA HIS A 191 11.57 -1.52 -4.39
C HIS A 191 10.48 -1.24 -5.41
N THR A 192 10.06 0.02 -5.49
CA THR A 192 9.00 0.41 -6.41
C THR A 192 9.52 1.14 -7.64
N GLN A 193 10.84 1.26 -7.71
CA GLN A 193 11.49 1.93 -8.85
C GLN A 193 12.84 1.27 -9.12
N PRO A 194 13.33 1.37 -10.36
CA PRO A 194 14.62 0.77 -10.72
C PRO A 194 15.75 1.38 -9.89
N ALA A 195 16.77 0.56 -9.61
CA ALA A 195 17.93 1.02 -8.83
C ALA A 195 19.21 0.55 -9.51
N ASN A 196 20.31 1.20 -9.18
CA ASN A 196 21.60 0.86 -9.78
C ASN A 196 22.35 -0.12 -8.92
N THR A 197 21.61 -1.08 -8.36
CA THR A 197 22.18 -2.10 -7.51
C THR A 197 22.42 -3.40 -8.27
N PHE A 198 23.28 -4.24 -7.72
CA PHE A 198 23.60 -5.49 -8.37
C PHE A 198 22.37 -6.40 -8.42
N SER A 199 21.61 -6.44 -7.33
CA SER A 199 20.42 -7.30 -7.31
C SER A 199 19.34 -6.85 -8.30
N TYR A 200 19.28 -5.54 -8.59
CA TYR A 200 18.31 -5.06 -9.56
C TYR A 200 18.78 -5.53 -10.94
N PHE A 201 20.06 -5.34 -11.23
CA PHE A 201 20.62 -5.73 -12.51
C PHE A 201 20.35 -7.20 -12.85
N THR A 202 20.64 -8.10 -11.92
CA THR A 202 20.41 -9.52 -12.20
C THR A 202 18.93 -9.85 -12.30
N SER A 203 18.12 -9.25 -11.43
CA SER A 203 16.69 -9.49 -11.47
C SER A 203 16.07 -9.04 -12.80
N GLN A 204 16.45 -7.85 -13.27
CA GLN A 204 15.89 -7.30 -14.49
C GLN A 204 16.58 -7.78 -15.78
N TYR A 205 17.90 -7.61 -15.85
CA TYR A 205 18.65 -7.98 -17.03
C TYR A 205 18.77 -9.49 -17.20
N CYS A 206 19.01 -10.20 -16.11
CA CYS A 206 19.17 -11.65 -16.18
C CYS A 206 17.88 -12.33 -15.77
N GLU A 207 16.89 -11.51 -15.45
CA GLU A 207 15.58 -11.96 -14.99
C GLU A 207 15.69 -13.11 -14.01
N ALA A 208 16.52 -12.92 -12.97
CA ALA A 208 16.68 -13.94 -11.96
C ALA A 208 16.02 -13.49 -10.66
N ASP A 209 15.90 -14.41 -9.71
CA ASP A 209 15.34 -14.08 -8.41
C ASP A 209 16.51 -13.58 -7.60
N ALA A 210 16.66 -12.26 -7.56
CA ALA A 210 17.77 -11.63 -6.88
C ALA A 210 17.35 -10.78 -5.69
N PHE A 211 18.17 -10.80 -4.64
CA PHE A 211 17.88 -10.03 -3.45
C PHE A 211 19.15 -9.43 -2.85
N THR A 212 19.02 -8.30 -2.18
CA THR A 212 20.14 -7.69 -1.47
C THR A 212 19.83 -8.11 -0.04
N LEU A 213 20.79 -8.76 0.63
CA LEU A 213 20.59 -9.21 2.01
C LEU A 213 21.45 -8.44 3.01
N GLU A 214 20.80 -7.73 3.93
CA GLU A 214 21.49 -6.99 4.99
C GLU A 214 21.45 -7.97 6.15
N LEU A 215 22.56 -8.67 6.37
CA LEU A 215 22.66 -9.70 7.40
C LEU A 215 23.09 -9.27 8.79
N GLY A 216 23.47 -8.00 8.96
CA GLY A 216 23.88 -7.55 10.28
C GLY A 216 24.86 -6.38 10.36
N LYS A 217 25.66 -6.38 11.42
CA LYS A 217 26.62 -5.31 11.68
C LYS A 217 27.93 -5.42 10.91
N ALA A 218 28.40 -4.29 10.39
CA ALA A 218 29.66 -4.26 9.64
C ALA A 218 30.82 -4.32 10.63
N ARG A 219 31.81 -5.14 10.32
CA ARG A 219 32.98 -5.32 11.16
C ARG A 219 34.14 -5.77 10.28
N PRO A 220 35.38 -5.45 10.70
CA PRO A 220 36.55 -5.85 9.92
C PRO A 220 36.81 -7.35 10.09
N PHE A 221 37.66 -7.92 9.23
CA PHE A 221 37.98 -9.34 9.31
C PHE A 221 38.48 -9.70 10.72
N GLY A 222 38.03 -10.85 11.24
CA GLY A 222 38.46 -11.29 12.54
C GLY A 222 37.63 -10.78 13.71
N GLN A 223 36.69 -9.90 13.42
CA GLN A 223 35.84 -9.34 14.45
C GLN A 223 34.37 -9.64 14.21
N ASN A 224 34.08 -10.62 13.37
CA ASN A 224 32.71 -11.01 13.08
C ASN A 224 32.31 -12.23 13.90
N ASP A 225 31.17 -12.12 14.58
CA ASP A 225 30.66 -13.22 15.38
C ASP A 225 29.91 -14.11 14.39
N LEU A 226 30.63 -15.02 13.73
CA LEU A 226 30.02 -15.91 12.74
C LEU A 226 28.81 -16.68 13.26
N SER A 227 28.59 -16.60 14.57
CA SER A 227 27.45 -17.27 15.19
C SER A 227 26.18 -16.49 14.87
N ARG A 228 26.32 -15.18 14.80
CA ARG A 228 25.19 -14.31 14.50
C ARG A 228 24.76 -14.46 13.04
N PHE A 229 25.49 -15.27 12.28
CA PHE A 229 25.17 -15.49 10.86
C PHE A 229 24.90 -16.97 10.57
N SER A 230 24.54 -17.72 11.61
CA SER A 230 24.25 -19.14 11.46
C SER A 230 23.07 -19.39 10.55
N GLY A 231 22.07 -18.53 10.64
CA GLY A 231 20.88 -18.69 9.81
C GLY A 231 21.16 -18.65 8.32
N ILE A 232 21.83 -17.60 7.87
CA ILE A 232 22.14 -17.46 6.46
C ILE A 232 23.17 -18.50 6.04
N ASP A 233 24.09 -18.80 6.96
CA ASP A 233 25.14 -19.79 6.69
C ASP A 233 24.55 -21.18 6.44
N GLY A 234 23.67 -21.63 7.34
CA GLY A 234 23.07 -22.94 7.19
C GLY A 234 22.12 -22.99 6.00
N ALA A 235 21.38 -21.91 5.79
CA ALA A 235 20.44 -21.85 4.68
C ALA A 235 21.20 -21.89 3.34
N LEU A 236 22.38 -21.27 3.31
CA LEU A 236 23.19 -21.24 2.11
C LEU A 236 23.84 -22.59 1.88
N ARG A 237 24.44 -23.16 2.92
CA ARG A 237 25.06 -24.48 2.79
C ARG A 237 24.00 -25.51 2.37
N GLY A 238 22.78 -25.34 2.86
CA GLY A 238 21.71 -26.26 2.53
C GLY A 238 21.26 -26.11 1.09
N LEU A 239 21.35 -24.87 0.58
CA LEU A 239 20.97 -24.62 -0.79
C LEU A 239 21.96 -25.26 -1.75
N LEU A 240 23.25 -25.06 -1.50
CA LEU A 240 24.28 -25.63 -2.37
C LEU A 240 24.28 -27.15 -2.35
N SER A 241 24.09 -27.74 -1.17
CA SER A 241 24.08 -29.21 -1.05
C SER A 241 22.80 -29.83 -1.58
N ASN A 242 21.68 -29.45 -0.99
CA ASN A 242 20.38 -29.97 -1.40
C ASN A 242 19.43 -28.83 -1.70
N PRO A 243 19.50 -28.28 -2.91
CA PRO A 243 18.67 -27.17 -3.37
C PRO A 243 17.21 -27.54 -3.63
N GLN A 244 16.89 -28.82 -3.61
CA GLN A 244 15.52 -29.25 -3.85
C GLN A 244 14.68 -29.38 -2.59
N ALA A 245 15.32 -29.21 -1.43
CA ALA A 245 14.60 -29.28 -0.16
C ALA A 245 13.49 -28.24 -0.21
N ASN A 246 12.25 -28.65 -0.02
CA ASN A 246 11.13 -27.73 -0.06
C ASN A 246 11.23 -26.72 1.08
N VAL A 247 10.58 -25.57 0.91
CA VAL A 247 10.58 -24.53 1.92
C VAL A 247 9.27 -24.63 2.71
N PRO A 248 9.34 -24.53 4.05
CA PRO A 248 8.17 -24.61 4.92
C PRO A 248 7.16 -23.48 4.74
N ASP A 249 6.66 -23.34 3.52
CA ASP A 249 5.68 -22.31 3.19
C ASP A 249 6.10 -20.93 3.67
N LEU A 250 5.22 -19.94 3.50
CA LEU A 250 5.51 -18.58 3.90
C LEU A 250 4.34 -17.92 4.61
N ASP A 251 4.47 -17.73 5.92
CA ASP A 251 3.42 -17.10 6.71
C ASP A 251 3.63 -15.59 6.67
N GLU A 252 3.06 -14.97 5.64
CA GLU A 252 3.19 -13.53 5.45
C GLU A 252 2.82 -12.70 6.67
N ASP A 253 2.16 -13.32 7.64
CA ASP A 253 1.77 -12.62 8.85
C ASP A 253 2.95 -12.49 9.82
N LYS A 254 4.07 -13.09 9.46
CA LYS A 254 5.27 -13.05 10.28
C LYS A 254 6.39 -12.27 9.61
N LEU A 255 6.28 -12.10 8.29
CA LEU A 255 7.30 -11.37 7.54
C LEU A 255 6.76 -10.04 7.05
N PRO A 256 6.97 -8.97 7.81
CA PRO A 256 6.47 -7.65 7.38
C PRO A 256 7.18 -7.13 6.12
N LEU A 257 6.39 -6.59 5.20
CA LEU A 257 6.92 -6.04 3.97
C LEU A 257 6.72 -4.53 3.97
N PHE A 258 7.61 -3.80 3.29
CA PHE A 258 7.51 -2.36 3.22
C PHE A 258 7.88 -1.81 1.84
N ARG A 259 7.45 -0.60 1.57
CA ARG A 259 7.77 0.06 0.31
C ARG A 259 7.98 1.53 0.65
N ALA A 260 8.72 2.23 -0.19
CA ALA A 260 8.97 3.64 0.02
C ALA A 260 7.65 4.40 -0.13
N LYS A 261 7.42 5.36 0.75
CA LYS A 261 6.21 6.17 0.69
C LYS A 261 6.58 7.50 0.03
N TYR A 262 7.66 8.10 0.53
CA TYR A 262 8.17 9.37 -0.01
C TYR A 262 9.57 9.66 0.55
N ASP A 263 10.34 10.46 -0.15
CA ASP A 263 11.69 10.79 0.29
C ASP A 263 11.71 12.12 1.03
N LEU A 264 12.62 12.25 1.98
CA LEU A 264 12.77 13.47 2.76
C LEU A 264 13.71 14.41 2.01
N VAL A 265 13.16 15.17 1.07
CA VAL A 265 13.96 16.11 0.29
C VAL A 265 14.54 17.20 1.19
N LYS A 266 15.86 17.36 1.15
CA LYS A 266 16.52 18.36 1.97
C LYS A 266 16.96 19.60 1.19
N HIS A 267 16.71 20.76 1.80
CA HIS A 267 17.07 22.05 1.23
C HIS A 267 17.34 23.05 2.36
N SER A 268 18.34 23.90 2.16
CA SER A 268 18.73 24.91 3.14
C SER A 268 19.22 24.25 4.42
N PHE A 271 16.56 23.35 8.09
CA PHE A 271 16.80 21.91 8.01
C PHE A 271 17.22 21.32 9.35
N LYS A 272 16.45 20.35 9.82
CA LYS A 272 16.72 19.67 11.09
C LYS A 272 16.10 18.29 11.11
N LEU A 273 16.91 17.29 11.42
CA LEU A 273 16.47 15.89 11.48
C LEU A 273 16.11 15.56 12.93
N ASN A 274 14.83 15.41 13.21
CA ASN A 274 14.34 15.13 14.55
C ASN A 274 14.56 13.71 15.07
N LEU A 275 15.70 13.12 14.72
CA LEU A 275 16.04 11.78 15.17
C LEU A 275 17.53 11.72 15.49
N ALA A 276 17.88 10.95 16.50
CA ALA A 276 19.29 10.79 16.91
C ALA A 276 20.12 10.39 15.71
N ASP A 277 21.36 10.87 15.66
CA ASP A 277 22.26 10.57 14.55
C ASP A 277 22.45 9.07 14.37
N SER A 278 22.24 8.31 15.43
CA SER A 278 22.40 6.86 15.39
C SER A 278 21.06 6.13 15.30
N VAL A 279 20.00 6.82 14.92
CA VAL A 279 18.69 6.19 14.80
C VAL A 279 18.76 4.93 13.94
N GLU A 280 18.17 3.84 14.41
CA GLU A 280 18.18 2.58 13.66
C GLU A 280 17.25 2.60 12.46
N ASN A 281 17.57 1.80 11.45
CA ASN A 281 16.74 1.72 10.26
C ASN A 281 15.42 1.04 10.65
N PHE A 282 14.36 1.44 9.96
CA PHE A 282 13.01 0.92 10.18
C PHE A 282 12.41 1.38 11.50
N THR A 283 12.97 2.46 12.05
CA THR A 283 12.44 2.99 13.30
C THR A 283 11.03 3.51 13.04
N LEU A 284 10.06 3.06 13.83
CA LEU A 284 8.67 3.45 13.70
C LEU A 284 8.44 4.93 14.03
N LEU A 285 7.70 5.62 13.16
CA LEU A 285 7.39 7.04 13.37
C LEU A 285 5.94 7.18 13.88
N PRO A 286 5.77 7.56 15.15
CA PRO A 286 4.43 7.71 15.71
C PRO A 286 3.58 8.78 15.04
N ASP A 287 2.26 8.64 15.15
CA ASP A 287 1.35 9.60 14.55
C ASP A 287 1.53 10.94 15.26
N GLY A 288 1.94 11.95 14.50
CA GLY A 288 2.17 13.27 15.05
C GLY A 288 3.38 13.94 14.40
N MSE A 289 4.57 13.45 14.72
CA MSE A 289 5.80 14.01 14.15
C MSE A 289 5.86 13.69 12.66
O MSE A 289 5.70 12.54 12.25
CB MSE A 289 7.04 13.43 14.84
CG MSE A 289 7.16 11.90 14.75
SE MSE A 289 9.01 11.26 14.65
CE MSE A 289 9.21 11.29 12.72
N LEU A 290 6.08 14.72 11.84
CA LEU A 290 6.17 14.51 10.40
C LEU A 290 7.10 15.55 9.79
N ILE A 291 7.12 15.66 8.48
CA ILE A 291 8.00 16.64 7.84
C ILE A 291 7.22 17.89 7.43
N ALA A 292 7.84 19.06 7.64
CA ALA A 292 7.23 20.34 7.29
C ALA A 292 8.31 21.41 7.14
N ALA A 301 0.34 10.57 4.99
CA ALA A 301 1.01 11.54 5.84
C ALA A 301 1.57 10.91 7.12
N THR A 302 0.67 10.56 8.03
CA THR A 302 1.08 9.94 9.29
C THR A 302 -0.02 9.04 9.84
N GLY A 303 0.39 7.95 10.49
CA GLY A 303 -0.58 7.03 11.06
C GLY A 303 0.05 6.00 11.98
N GLY A 304 1.26 6.28 12.43
CA GLY A 304 1.95 5.36 13.31
C GLY A 304 2.35 4.08 12.61
N GLU A 305 2.31 4.09 11.28
CA GLU A 305 2.68 2.93 10.49
C GLU A 305 3.99 3.13 9.74
N GLU A 306 4.36 4.38 9.50
CA GLU A 306 5.57 4.69 8.77
C GLU A 306 6.85 4.46 9.59
N ARG A 307 7.96 4.25 8.90
CA ARG A 307 9.24 4.02 9.55
C ARG A 307 10.31 4.75 8.72
N ILE A 308 11.39 5.15 9.38
CA ILE A 308 12.46 5.85 8.69
C ILE A 308 13.47 4.81 8.21
N LEU A 309 14.04 5.02 7.03
CA LEU A 309 15.01 4.08 6.50
C LEU A 309 16.16 4.83 5.83
N PHE A 310 17.37 4.39 6.11
CA PHE A 310 18.59 5.00 5.55
C PHE A 310 18.69 6.52 5.74
N PRO A 311 18.50 7.01 6.97
CA PRO A 311 18.59 8.45 7.23
C PRO A 311 20.01 8.98 7.01
N ASN A 312 20.12 10.13 6.35
CA ASN A 312 21.43 10.74 6.10
C ASN A 312 21.28 12.25 5.95
N PRO A 313 21.14 12.96 7.09
CA PRO A 313 20.98 14.42 7.09
C PRO A 313 22.25 15.20 6.75
N ALA A 314 23.36 14.48 6.56
CA ALA A 314 24.64 15.10 6.24
C ALA A 314 24.71 15.62 4.81
N VAL A 315 24.04 14.93 3.89
CA VAL A 315 24.05 15.34 2.49
C VAL A 315 23.60 16.78 2.29
N LYS A 316 22.48 17.14 2.88
CA LYS A 316 21.91 18.48 2.79
C LYS A 316 22.18 19.24 1.49
N PRO A 317 21.93 18.61 0.33
CA PRO A 317 22.17 19.30 -0.92
C PRO A 317 20.86 19.76 -1.55
N GLY A 318 20.35 18.94 -2.47
CA GLY A 318 19.09 19.19 -3.13
C GLY A 318 18.48 17.83 -3.32
N LEU A 319 19.16 16.84 -2.74
CA LEU A 319 18.75 15.44 -2.81
C LEU A 319 17.98 15.08 -1.54
N ARG A 320 17.78 13.79 -1.33
CA ARG A 320 17.05 13.31 -0.15
C ARG A 320 18.02 12.94 0.96
N ALA A 321 17.54 13.04 2.20
CA ALA A 321 18.36 12.72 3.36
C ALA A 321 17.71 11.60 4.16
N GLY A 322 16.92 10.77 3.47
CA GLY A 322 16.26 9.67 4.14
C GLY A 322 14.99 9.29 3.43
N ILE A 323 14.47 8.11 3.73
CA ILE A 323 13.25 7.63 3.10
C ILE A 323 12.23 7.12 4.13
N VAL A 324 10.99 7.55 3.97
CA VAL A 324 9.91 7.13 4.84
C VAL A 324 9.21 5.97 4.16
N VAL A 325 9.21 4.82 4.83
CA VAL A 325 8.57 3.63 4.27
C VAL A 325 7.25 3.36 5.00
N GLU A 326 6.40 2.58 4.35
CA GLU A 326 5.09 2.19 4.88
C GLU A 326 4.86 0.71 4.62
N PRO A 327 3.99 0.08 5.41
CA PRO A 327 3.68 -1.35 5.25
C PRO A 327 3.25 -1.68 3.82
N ALA A 328 3.65 -2.85 3.33
CA ALA A 328 3.31 -3.27 1.99
C ALA A 328 2.62 -4.62 2.07
N ARG A 329 1.50 -4.76 1.36
CA ARG A 329 0.75 -5.99 1.36
C ARG A 329 0.82 -6.64 -0.01
N LEU A 330 0.92 -7.97 -0.04
CA LEU A 330 0.96 -8.72 -1.30
C LEU A 330 -0.48 -8.88 -1.80
N PRO A 331 -0.65 -9.18 -3.10
CA PRO A 331 -1.99 -9.36 -3.66
C PRO A 331 -2.73 -10.52 -3.02
N SER A 332 -1.96 -11.51 -2.56
CA SER A 332 -2.55 -12.68 -1.91
C SER A 332 -1.66 -13.16 -0.76
N SER B 4 -48.73 17.55 0.50
CA SER B 4 -48.80 17.33 1.98
C SER B 4 -48.27 15.95 2.36
N PRO B 5 -48.71 14.89 1.65
CA PRO B 5 -48.24 13.53 1.96
C PRO B 5 -46.78 13.34 1.50
N SER B 6 -46.27 14.33 0.79
CA SER B 6 -44.91 14.29 0.28
C SER B 6 -43.93 14.98 1.22
N PHE B 7 -43.00 14.21 1.78
CA PHE B 7 -42.01 14.76 2.69
C PHE B 7 -41.10 15.72 1.95
N LEU B 8 -40.68 15.34 0.74
CA LEU B 8 -39.79 16.17 -0.05
C LEU B 8 -40.43 17.52 -0.38
N GLN B 9 -41.70 17.49 -0.78
CA GLN B 9 -42.41 18.73 -1.11
C GLN B 9 -42.41 19.67 0.09
N HIS B 10 -42.66 19.12 1.27
CA HIS B 10 -42.66 19.91 2.50
C HIS B 10 -41.26 20.45 2.80
N ALA B 11 -40.25 19.62 2.58
CA ALA B 11 -38.87 20.01 2.85
C ALA B 11 -38.34 21.10 1.93
N LEU B 12 -38.89 21.20 0.72
CA LEU B 12 -38.43 22.22 -0.23
C LEU B 12 -39.22 23.52 -0.14
N SER B 13 -40.17 23.57 0.77
CA SER B 13 -40.97 24.79 0.92
C SER B 13 -40.96 25.24 2.36
N SER B 14 -40.75 24.28 3.26
CA SER B 14 -40.74 24.55 4.69
C SER B 14 -42.05 25.19 5.12
N SER B 15 -43.15 24.66 4.60
CA SER B 15 -44.48 25.16 4.92
C SER B 15 -44.55 25.54 6.38
N ASP B 16 -44.07 24.65 7.23
CA ASP B 16 -44.06 24.88 8.67
C ASP B 16 -42.63 25.20 9.08
N THR B 17 -42.11 24.39 10.00
CA THR B 17 -40.75 24.57 10.50
C THR B 17 -40.39 23.47 11.53
N ARG B 18 -41.19 23.33 12.57
CA ARG B 18 -40.94 22.31 13.60
C ARG B 18 -42.19 21.47 13.92
N ALA B 19 -43.17 21.51 13.04
CA ALA B 19 -44.40 20.75 13.24
C ALA B 19 -44.12 19.26 13.46
N GLU B 20 -45.16 18.51 13.77
CA GLU B 20 -45.04 17.08 14.01
C GLU B 20 -46.15 16.34 13.26
N TRP B 21 -45.76 15.39 12.41
CA TRP B 21 -46.74 14.62 11.64
C TRP B 21 -47.02 13.27 12.29
N PRO B 22 -48.29 12.97 12.54
CA PRO B 22 -48.71 11.71 13.16
C PRO B 22 -48.39 10.55 12.21
N LEU B 23 -47.82 9.48 12.74
CA LEU B 23 -47.46 8.30 11.96
C LEU B 23 -48.13 7.04 12.51
N PRO B 24 -48.38 6.05 11.64
CA PRO B 24 -49.01 4.79 12.06
C PRO B 24 -48.21 4.13 13.17
N GLY B 25 -48.88 3.30 13.98
CA GLY B 25 -48.20 2.60 15.05
C GLY B 25 -47.84 3.48 16.23
N GLY B 26 -48.43 4.66 16.31
CA GLY B 26 -48.15 5.57 17.41
C GLY B 26 -46.91 6.43 17.19
N LEU B 27 -46.25 6.24 16.07
CA LEU B 27 -45.04 6.99 15.74
C LEU B 27 -45.36 8.41 15.26
N ALA B 28 -44.31 9.19 15.01
CA ALA B 28 -44.48 10.56 14.54
C ALA B 28 -43.25 11.02 13.78
N ALA B 29 -43.46 11.98 12.87
CA ALA B 29 -42.40 12.56 12.05
C ALA B 29 -42.17 13.99 12.55
N ARG B 30 -41.02 14.24 13.16
CA ARG B 30 -40.73 15.56 13.68
C ARG B 30 -39.68 16.32 12.87
N TRP B 31 -40.04 17.51 12.41
CA TRP B 31 -39.10 18.30 11.63
C TRP B 31 -38.21 19.10 12.59
N LEU B 32 -36.96 18.65 12.71
CA LEU B 32 -36.00 19.27 13.61
C LEU B 32 -35.40 20.55 13.04
N ALA B 33 -35.51 20.70 11.73
CA ALA B 33 -34.99 21.86 11.02
C ALA B 33 -35.45 21.76 9.57
N PRO B 34 -35.21 22.81 8.77
CA PRO B 34 -35.63 22.76 7.37
C PRO B 34 -35.05 21.51 6.71
N GLY B 35 -35.90 20.78 5.99
CA GLY B 35 -35.42 19.60 5.31
C GLY B 35 -34.88 18.45 6.14
N CYS B 36 -35.06 18.48 7.46
CA CYS B 36 -34.58 17.41 8.35
C CYS B 36 -35.74 16.84 9.16
N VAL B 37 -36.04 15.57 8.96
CA VAL B 37 -37.15 14.95 9.66
C VAL B 37 -36.74 13.66 10.37
N GLU B 38 -37.12 13.56 11.64
CA GLU B 38 -36.80 12.41 12.48
C GLU B 38 -38.06 11.58 12.74
N LEU B 39 -37.97 10.26 12.55
CA LEU B 39 -39.11 9.40 12.79
C LEU B 39 -38.72 8.33 13.81
N ASN B 40 -39.66 8.03 14.71
CA ASN B 40 -39.42 7.02 15.75
C ASN B 40 -38.13 7.33 16.52
N GLY B 41 -37.89 8.61 16.75
CA GLY B 41 -36.70 9.03 17.47
C GLY B 41 -36.70 8.61 18.92
N ASP B 42 -37.89 8.37 19.47
CA ASP B 42 -38.04 7.94 20.85
C ASP B 42 -37.69 6.47 21.06
N ALA B 43 -37.40 5.75 19.97
CA ALA B 43 -37.07 4.33 20.06
C ALA B 43 -35.80 4.12 20.88
N ARG B 44 -35.98 4.07 22.20
CA ARG B 44 -34.92 3.89 23.18
C ARG B 44 -33.69 3.11 22.74
N GLY B 45 -33.85 1.81 22.49
CA GLY B 45 -32.70 1.00 22.12
C GLY B 45 -32.67 0.42 20.72
N ALA B 46 -33.35 1.05 19.78
CA ALA B 46 -33.35 0.56 18.40
C ALA B 46 -32.16 1.14 17.64
N ASP B 47 -31.80 0.49 16.54
CA ASP B 47 -30.69 0.99 15.73
C ASP B 47 -31.04 2.37 15.19
N SER B 48 -30.02 3.22 15.05
CA SER B 48 -30.20 4.59 14.56
C SER B 48 -29.60 4.77 13.17
N VAL B 49 -30.46 5.15 12.24
CA VAL B 49 -30.07 5.33 10.84
C VAL B 49 -30.18 6.79 10.34
N LEU B 50 -29.08 7.31 9.82
CA LEU B 50 -29.06 8.66 9.26
C LEU B 50 -28.96 8.55 7.75
N LEU B 51 -29.97 9.04 7.06
CA LEU B 51 -29.98 9.02 5.61
C LEU B 51 -29.91 10.47 5.13
N SER B 52 -28.79 10.85 4.54
CA SER B 52 -28.66 12.19 4.02
C SER B 52 -28.61 12.06 2.50
N CYS B 53 -29.25 13.00 1.81
CA CYS B 53 -29.30 13.00 0.36
C CYS B 53 -29.41 14.45 -0.09
N GLY B 54 -29.12 14.71 -1.35
CA GLY B 54 -29.22 16.08 -1.83
C GLY B 54 -28.12 16.98 -1.31
N VAL B 55 -26.98 16.42 -0.93
CA VAL B 55 -25.87 17.23 -0.47
C VAL B 55 -25.53 18.07 -1.71
N HIS B 56 -25.75 17.46 -2.88
CA HIS B 56 -25.57 18.08 -4.18
C HIS B 56 -26.97 18.04 -4.79
N GLY B 57 -27.53 19.21 -5.06
CA GLY B 57 -28.88 19.31 -5.58
C GLY B 57 -29.24 18.62 -6.89
N ASN B 58 -28.25 18.31 -7.71
CA ASN B 58 -28.51 17.67 -9.02
C ASN B 58 -28.59 16.15 -8.95
N GLU B 59 -28.24 15.58 -7.80
CA GLU B 59 -28.26 14.14 -7.63
C GLU B 59 -29.57 13.72 -7.01
N THR B 60 -30.61 13.70 -7.84
CA THR B 60 -31.96 13.43 -7.39
C THR B 60 -32.45 12.00 -7.21
N ALA B 61 -31.78 11.01 -7.80
CA ALA B 61 -32.27 9.64 -7.65
C ALA B 61 -32.41 9.20 -6.18
N PRO B 62 -31.36 9.43 -5.36
CA PRO B 62 -31.48 9.02 -3.94
C PRO B 62 -32.56 9.80 -3.22
N ILE B 63 -32.77 11.05 -3.63
CA ILE B 63 -33.79 11.90 -3.03
C ILE B 63 -35.18 11.30 -3.27
N GLU B 64 -35.44 10.90 -4.50
CA GLU B 64 -36.73 10.30 -4.82
C GLU B 64 -36.90 8.98 -4.09
N VAL B 65 -35.81 8.21 -4.01
CA VAL B 65 -35.86 6.93 -3.32
C VAL B 65 -36.21 7.12 -1.84
N VAL B 66 -35.51 8.04 -1.19
CA VAL B 66 -35.77 8.32 0.21
C VAL B 66 -37.19 8.83 0.44
N ASP B 67 -37.68 9.70 -0.43
CA ASP B 67 -39.02 10.25 -0.30
C ASP B 67 -40.08 9.14 -0.41
N GLY B 68 -39.85 8.19 -1.32
CA GLY B 68 -40.80 7.09 -1.48
C GLY B 68 -40.90 6.23 -0.23
N MSE B 69 -39.77 6.02 0.45
CA MSE B 69 -39.78 5.25 1.67
C MSE B 69 -40.56 5.95 2.76
O MSE B 69 -41.37 5.32 3.45
CB MSE B 69 -38.36 5.00 2.17
CG MSE B 69 -37.53 4.12 1.25
SE MSE B 69 -35.87 3.70 2.10
CE MSE B 69 -34.90 5.29 1.65
N LEU B 70 -40.32 7.24 2.91
CA LEU B 70 -41.01 8.04 3.90
C LEU B 70 -42.52 7.99 3.65
N THR B 71 -42.92 8.11 2.39
CA THR B 71 -44.33 8.06 2.04
C THR B 71 -44.94 6.74 2.52
N ASP B 72 -44.28 5.62 2.22
CA ASP B 72 -44.77 4.32 2.63
C ASP B 72 -44.86 4.16 4.15
N ILE B 73 -43.95 4.78 4.88
CA ILE B 73 -44.00 4.69 6.33
C ILE B 73 -45.26 5.41 6.80
N ALA B 74 -45.53 6.56 6.20
CA ALA B 74 -46.71 7.35 6.57
C ALA B 74 -48.01 6.65 6.16
N ALA B 75 -47.97 5.91 5.06
CA ALA B 75 -49.15 5.20 4.58
C ALA B 75 -49.35 3.87 5.29
N GLY B 76 -48.36 3.46 6.07
CA GLY B 76 -48.46 2.21 6.78
C GLY B 76 -47.99 1.02 5.95
N GLN B 77 -47.50 1.30 4.75
CA GLN B 77 -47.02 0.25 3.83
C GLN B 77 -45.64 -0.27 4.21
N LEU B 78 -44.87 0.53 4.94
CA LEU B 78 -43.54 0.13 5.37
C LEU B 78 -43.39 0.33 6.87
N ALA B 79 -42.93 -0.71 7.55
CA ALA B 79 -42.74 -0.65 9.00
C ALA B 79 -41.39 -0.02 9.32
N LEU B 80 -41.35 0.71 10.42
CA LEU B 80 -40.12 1.37 10.87
C LEU B 80 -39.80 0.92 12.29
N ASN B 81 -38.64 0.29 12.44
CA ASN B 81 -38.17 -0.20 13.73
C ASN B 81 -36.77 0.30 14.08
N CYS B 82 -36.40 1.44 13.48
CA CYS B 82 -35.13 2.11 13.71
C CYS B 82 -35.47 3.55 14.03
N ARG B 83 -34.54 4.23 14.70
CA ARG B 83 -34.73 5.67 14.93
C ARG B 83 -34.19 6.09 13.56
N LEU B 84 -34.90 6.96 12.87
CA LEU B 84 -34.51 7.40 11.53
C LEU B 84 -34.51 8.91 11.40
N LEU B 85 -33.41 9.44 10.87
CA LEU B 85 -33.29 10.87 10.62
C LEU B 85 -32.91 11.03 9.14
N VAL B 86 -33.78 11.70 8.39
CA VAL B 86 -33.54 11.95 6.99
C VAL B 86 -33.23 13.42 6.81
N MSE B 87 -32.19 13.70 6.04
CA MSE B 87 -31.80 15.07 5.77
C MSE B 87 -31.76 15.33 4.28
O MSE B 87 -31.05 14.63 3.55
CB MSE B 87 -30.42 15.37 6.34
CG MSE B 87 -30.31 15.28 7.85
SE MSE B 87 -28.43 15.58 8.26
CE MSE B 87 -28.77 16.71 9.89
N PHE B 88 -32.53 16.30 3.83
CA PHE B 88 -32.49 16.72 2.45
C PHE B 88 -31.48 17.87 2.65
N ALA B 89 -30.21 17.58 2.39
CA ALA B 89 -29.10 18.49 2.61
C ALA B 89 -29.11 19.90 2.06
N ASN B 90 -28.70 20.05 0.81
CA ASN B 90 -28.64 21.38 0.20
C ASN B 90 -29.99 21.76 -0.40
N LEU B 91 -30.87 22.33 0.43
CA LEU B 91 -32.20 22.68 -0.04
C LEU B 91 -32.25 23.62 -1.24
N ASP B 92 -31.48 24.69 -1.19
CA ASP B 92 -31.47 25.64 -2.30
C ASP B 92 -30.97 24.99 -3.59
N ALA B 93 -29.94 24.15 -3.47
CA ALA B 93 -29.39 23.49 -4.64
C ALA B 93 -30.39 22.48 -5.21
N ILE B 94 -31.10 21.78 -4.33
CA ILE B 94 -32.09 20.80 -4.76
C ILE B 94 -33.24 21.49 -5.47
N ARG B 95 -33.66 22.63 -4.93
CA ARG B 95 -34.76 23.39 -5.52
C ARG B 95 -34.39 23.94 -6.89
N GLN B 96 -33.12 24.31 -7.06
CA GLN B 96 -32.65 24.85 -8.32
C GLN B 96 -32.11 23.77 -9.27
N GLY B 97 -31.88 22.58 -8.73
CA GLY B 97 -31.36 21.49 -9.53
C GLY B 97 -29.89 21.61 -9.91
N VAL B 98 -29.09 22.20 -9.03
CA VAL B 98 -27.67 22.36 -9.31
C VAL B 98 -26.82 21.68 -8.23
N ARG B 99 -25.56 21.43 -8.56
CA ARG B 99 -24.61 20.81 -7.64
C ARG B 99 -24.57 21.61 -6.34
N TYR B 100 -24.31 22.91 -6.49
CA TYR B 100 -24.24 23.82 -5.34
C TYR B 100 -24.41 25.27 -5.76
N GLY B 101 -24.67 26.12 -4.78
CA GLY B 101 -24.84 27.54 -5.06
C GLY B 101 -23.53 28.30 -5.11
N ASN B 102 -22.84 28.40 -3.97
CA ASN B 102 -21.58 29.12 -3.94
C ASN B 102 -20.39 28.23 -3.64
N TYR B 103 -20.63 27.06 -3.05
CA TYR B 103 -19.53 26.17 -2.69
C TYR B 103 -20.04 24.73 -2.46
N ASP B 104 -19.24 23.76 -2.86
CA ASP B 104 -19.57 22.35 -2.71
C ASP B 104 -19.73 22.02 -1.21
N MSE B 105 -20.96 21.73 -0.80
CA MSE B 105 -21.21 21.43 0.59
C MSE B 105 -20.49 20.20 1.13
O MSE B 105 -20.18 20.13 2.32
CB MSE B 105 -22.72 21.29 0.85
CG MSE B 105 -23.10 21.08 2.32
SE MSE B 105 -25.02 21.14 2.61
CE MSE B 105 -25.21 23.05 2.56
N ASN B 106 -20.19 19.22 0.27
CA ASN B 106 -19.49 18.06 0.80
C ASN B 106 -18.01 18.34 0.98
N ARG B 107 -17.67 19.62 0.98
CA ARG B 107 -16.30 20.06 1.21
C ARG B 107 -16.33 21.07 2.37
N LEU B 108 -17.50 21.26 2.96
CA LEU B 108 -17.63 22.19 4.08
C LEU B 108 -17.86 21.49 5.41
N PHE B 109 -17.93 20.17 5.38
CA PHE B 109 -18.15 19.38 6.57
C PHE B 109 -16.85 19.20 7.35
N ASN B 110 -16.90 18.37 8.39
CA ASN B 110 -15.73 18.13 9.24
C ASN B 110 -15.24 19.46 9.81
N GLY B 111 -16.13 20.44 9.94
CA GLY B 111 -15.73 21.72 10.48
C GLY B 111 -15.20 22.74 9.50
N ALA B 112 -14.93 22.31 8.27
CA ALA B 112 -14.41 23.20 7.24
C ALA B 112 -15.28 24.43 7.03
N HIS B 113 -16.57 24.32 7.31
CA HIS B 113 -17.48 25.44 7.14
C HIS B 113 -17.00 26.69 7.87
N ALA B 114 -16.21 26.49 8.92
CA ALA B 114 -15.66 27.59 9.71
C ALA B 114 -14.75 28.49 8.89
N ARG B 115 -14.18 27.95 7.82
CA ARG B 115 -13.29 28.74 6.96
C ARG B 115 -14.07 29.60 5.99
N HIS B 116 -15.38 29.37 5.92
CA HIS B 116 -16.25 30.13 5.04
C HIS B 116 -17.57 30.41 5.76
N PRO B 117 -17.49 31.05 6.94
CA PRO B 117 -18.67 31.37 7.75
C PRO B 117 -19.72 32.29 7.12
N GLU B 118 -19.43 32.83 5.95
CA GLU B 118 -20.37 33.73 5.29
C GLU B 118 -21.30 33.01 4.31
N LEU B 119 -20.85 31.88 3.79
CA LEU B 119 -21.64 31.10 2.84
C LEU B 119 -22.84 30.43 3.49
N PRO B 120 -24.04 30.61 2.91
CA PRO B 120 -25.26 30.00 3.45
C PRO B 120 -25.12 28.48 3.53
N GLU B 121 -24.37 27.91 2.60
CA GLU B 121 -24.15 26.47 2.59
C GLU B 121 -23.26 26.05 3.76
N SER B 122 -22.40 26.95 4.24
CA SER B 122 -21.52 26.65 5.37
C SER B 122 -22.39 26.62 6.63
N VAL B 123 -23.26 27.60 6.75
CA VAL B 123 -24.17 27.70 7.90
C VAL B 123 -25.01 26.42 7.96
N ARG B 124 -25.49 25.98 6.81
CA ARG B 124 -26.31 24.77 6.69
C ARG B 124 -25.52 23.54 7.11
N ALA B 125 -24.30 23.42 6.60
CA ALA B 125 -23.42 22.30 6.92
C ALA B 125 -23.15 22.24 8.43
N ALA B 126 -23.01 23.40 9.06
CA ALA B 126 -22.74 23.43 10.49
C ALA B 126 -23.98 22.93 11.24
N GLU B 127 -25.15 23.37 10.81
CA GLU B 127 -26.42 22.96 11.42
C GLU B 127 -26.62 21.44 11.25
N LEU B 128 -26.28 20.91 10.08
CA LEU B 128 -26.43 19.49 9.85
C LEU B 128 -25.44 18.69 10.71
N GLU B 129 -24.25 19.23 10.94
CA GLU B 129 -23.27 18.53 11.78
C GLU B 129 -23.79 18.38 13.20
N THR B 130 -24.38 19.46 13.73
CA THR B 130 -24.90 19.45 15.09
C THR B 130 -26.10 18.51 15.19
N LEU B 131 -27.01 18.57 14.23
CA LEU B 131 -28.18 17.69 14.26
C LEU B 131 -27.71 16.25 14.28
N ALA B 132 -26.80 15.89 13.39
CA ALA B 132 -26.31 14.52 13.34
C ALA B 132 -25.64 14.15 14.66
N ALA B 133 -24.81 15.05 15.16
CA ALA B 133 -24.12 14.79 16.42
C ALA B 133 -25.13 14.52 17.55
N GLU B 134 -26.18 15.35 17.64
CA GLU B 134 -27.19 15.16 18.69
C GLU B 134 -28.00 13.89 18.43
N PHE B 135 -28.29 13.60 17.16
CA PHE B 135 -29.04 12.39 16.81
C PHE B 135 -28.26 11.16 17.27
N PHE B 136 -26.99 11.07 16.89
CA PHE B 136 -26.19 9.92 17.25
C PHE B 136 -25.81 9.81 18.73
N ALA B 137 -25.86 10.92 19.45
CA ALA B 137 -25.54 10.90 20.88
C ALA B 137 -26.64 10.17 21.64
N GLY B 138 -27.85 10.19 21.08
CA GLY B 138 -28.97 9.52 21.73
C GLY B 138 -29.10 8.05 21.36
N ALA B 139 -28.23 7.57 20.48
CA ALA B 139 -28.26 6.19 20.03
C ALA B 139 -27.71 5.24 21.10
N ARG B 140 -28.35 4.09 21.26
CA ARG B 140 -27.93 3.11 22.26
C ARG B 140 -27.63 1.77 21.60
N ALA B 141 -27.84 1.70 20.29
CA ALA B 141 -27.58 0.50 19.52
C ALA B 141 -26.69 0.88 18.33
N ARG B 142 -26.86 0.21 17.20
CA ARG B 142 -26.03 0.55 16.03
C ARG B 142 -26.22 1.98 15.56
N LYS B 143 -25.14 2.59 15.07
CA LYS B 143 -25.15 3.94 14.54
C LYS B 143 -24.71 3.85 13.08
N LEU B 144 -25.65 4.09 12.17
CA LEU B 144 -25.39 3.98 10.74
C LEU B 144 -25.69 5.27 9.99
N HIS B 145 -24.82 5.59 9.04
CA HIS B 145 -25.01 6.79 8.25
C HIS B 145 -24.67 6.54 6.79
N TYR B 146 -25.66 6.73 5.93
CA TYR B 146 -25.47 6.55 4.50
C TYR B 146 -25.76 7.88 3.83
N ASP B 147 -24.72 8.49 3.28
CA ASP B 147 -24.85 9.77 2.58
C ASP B 147 -24.97 9.32 1.12
N LEU B 148 -26.14 9.57 0.54
CA LEU B 148 -26.45 9.14 -0.81
C LEU B 148 -26.17 10.12 -1.94
N HIS B 149 -25.39 9.66 -2.90
CA HIS B 149 -25.02 10.48 -4.05
C HIS B 149 -25.21 9.75 -5.37
N THR B 150 -25.13 10.52 -6.45
CA THR B 150 -25.14 9.98 -7.80
C THR B 150 -24.10 10.87 -8.45
N ALA B 151 -23.77 10.63 -9.71
CA ALA B 151 -22.73 11.42 -10.34
C ALA B 151 -22.92 11.52 -11.84
N ILE B 152 -22.41 12.63 -12.39
CA ILE B 152 -22.48 12.90 -13.82
C ILE B 152 -21.41 12.05 -14.49
N ARG B 153 -20.19 12.11 -13.96
CA ARG B 153 -19.08 11.34 -14.52
C ARG B 153 -19.37 9.84 -14.39
N GLY B 154 -19.13 9.10 -15.46
CA GLY B 154 -19.36 7.67 -15.44
C GLY B 154 -18.32 7.00 -14.56
N SER B 155 -18.42 5.69 -14.40
CA SER B 155 -17.49 4.95 -13.58
C SER B 155 -17.39 3.49 -14.01
N VAL B 156 -16.19 2.91 -13.91
CA VAL B 156 -16.00 1.50 -14.25
C VAL B 156 -16.86 0.68 -13.30
N PHE B 157 -16.91 1.11 -12.05
CA PHE B 157 -17.74 0.46 -11.05
C PHE B 157 -18.91 1.43 -10.84
N GLU B 158 -19.97 1.24 -11.61
CA GLU B 158 -21.13 2.13 -11.57
C GLU B 158 -21.57 2.51 -10.16
N LYS B 159 -21.65 1.52 -9.28
CA LYS B 159 -22.05 1.79 -7.91
C LYS B 159 -20.86 1.48 -7.01
N PHE B 160 -20.46 2.46 -6.20
CA PHE B 160 -19.35 2.23 -5.29
C PHE B 160 -19.51 3.04 -4.01
N ALA B 161 -18.80 2.62 -2.97
CA ALA B 161 -18.86 3.28 -1.69
C ALA B 161 -17.50 3.84 -1.29
N ILE B 162 -17.53 4.89 -0.45
CA ILE B 162 -16.32 5.50 0.07
C ILE B 162 -16.41 5.27 1.57
N TYR B 163 -15.44 4.52 2.10
CA TYR B 163 -15.41 4.12 3.50
C TYR B 163 -14.37 4.79 4.37
N PRO B 164 -14.79 5.69 5.28
CA PRO B 164 -13.86 6.38 6.18
C PRO B 164 -13.30 5.35 7.18
N PHE B 165 -12.23 4.65 6.79
CA PHE B 165 -11.62 3.63 7.65
C PHE B 165 -10.81 4.32 8.75
N LEU B 166 -11.20 4.16 10.00
CA LEU B 166 -10.48 4.82 11.10
C LEU B 166 -10.07 3.85 12.22
N HIS B 167 -9.01 4.19 12.93
CA HIS B 167 -8.51 3.36 14.03
C HIS B 167 -8.21 1.92 13.64
N ASP B 168 -7.52 1.74 12.51
CA ASP B 168 -7.15 0.42 12.01
C ASP B 168 -8.34 -0.55 11.91
N GLY B 169 -9.55 0.01 11.90
CA GLY B 169 -10.74 -0.80 11.80
C GLY B 169 -11.07 -1.56 13.08
N ARG B 170 -10.77 -0.96 14.22
CA ARG B 170 -11.04 -1.58 15.51
C ARG B 170 -12.54 -1.72 15.73
N THR B 171 -13.31 -0.85 15.09
CA THR B 171 -14.77 -0.90 15.20
C THR B 171 -15.37 -1.25 13.85
N HIS B 172 -14.57 -1.87 12.99
CA HIS B 172 -15.01 -2.25 11.66
C HIS B 172 -16.02 -3.39 11.66
N LYS B 173 -17.02 -3.29 10.77
CA LYS B 173 -18.05 -4.30 10.63
C LYS B 173 -18.04 -4.86 9.20
N ARG B 174 -17.61 -6.11 9.05
CA ARG B 174 -17.56 -6.70 7.73
C ARG B 174 -18.99 -6.94 7.25
N GLU B 175 -19.91 -7.07 8.20
CA GLU B 175 -21.31 -7.26 7.84
C GLU B 175 -21.76 -6.05 7.03
N GLN B 176 -21.20 -4.88 7.34
CA GLN B 176 -21.57 -3.68 6.60
C GLN B 176 -21.08 -3.78 5.16
N LEU B 177 -19.89 -4.35 4.98
CA LEU B 177 -19.35 -4.53 3.64
C LEU B 177 -20.20 -5.58 2.92
N ALA B 178 -20.73 -6.52 3.69
CA ALA B 178 -21.59 -7.56 3.12
C ALA B 178 -22.91 -6.91 2.71
N TRP B 179 -23.47 -6.11 3.61
CA TRP B 179 -24.73 -5.42 3.35
C TRP B 179 -24.62 -4.56 2.10
N LEU B 180 -23.50 -3.84 1.97
CA LEU B 180 -23.28 -2.97 0.81
C LEU B 180 -23.19 -3.78 -0.49
N GLN B 181 -22.45 -4.88 -0.44
CA GLN B 181 -22.28 -5.72 -1.63
C GLN B 181 -23.62 -6.29 -2.05
N ARG B 182 -24.51 -6.46 -1.08
CA ARG B 182 -25.84 -6.98 -1.34
C ARG B 182 -26.70 -5.86 -1.93
N CYS B 183 -26.37 -4.61 -1.57
CA CYS B 183 -27.09 -3.44 -2.06
C CYS B 183 -26.80 -3.25 -3.55
N GLY B 184 -25.66 -3.79 -3.99
CA GLY B 184 -25.27 -3.66 -5.37
C GLY B 184 -23.95 -2.92 -5.53
N ILE B 185 -23.36 -2.48 -4.42
CA ILE B 185 -22.08 -1.76 -4.44
C ILE B 185 -21.06 -2.70 -5.09
N GLU B 186 -20.38 -2.21 -6.12
CA GLU B 186 -19.42 -3.03 -6.86
C GLU B 186 -17.96 -2.81 -6.47
N ALA B 187 -17.72 -1.83 -5.60
CA ALA B 187 -16.37 -1.52 -5.17
C ALA B 187 -16.41 -0.56 -3.99
N VAL B 188 -15.38 -0.63 -3.15
CA VAL B 188 -15.29 0.26 -2.00
C VAL B 188 -13.94 0.95 -1.95
N LEU B 189 -13.98 2.25 -1.66
CA LEU B 189 -12.79 3.08 -1.54
C LEU B 189 -12.53 3.35 -0.06
N LEU B 190 -11.43 2.81 0.44
CA LEU B 190 -11.05 2.98 1.84
C LEU B 190 -10.08 4.16 1.99
N HIS B 191 -10.31 5.01 2.97
CA HIS B 191 -9.39 6.11 3.22
C HIS B 191 -9.32 6.32 4.74
N THR B 192 -8.10 6.48 5.25
CA THR B 192 -7.91 6.67 6.69
C THR B 192 -7.66 8.13 7.02
N GLN B 193 -7.18 8.87 6.03
CA GLN B 193 -6.89 10.29 6.21
C GLN B 193 -8.17 11.09 6.33
N PRO B 194 -8.10 12.22 7.03
CA PRO B 194 -9.29 13.08 7.23
C PRO B 194 -9.80 13.68 5.92
N ALA B 195 -11.09 13.99 5.89
CA ALA B 195 -11.72 14.60 4.72
C ALA B 195 -12.86 15.49 5.20
N ASN B 196 -13.20 16.49 4.39
CA ASN B 196 -14.26 17.43 4.74
C ASN B 196 -15.64 16.98 4.27
N THR B 197 -15.86 15.66 4.30
CA THR B 197 -17.13 15.07 3.89
C THR B 197 -18.04 14.77 5.07
N PHE B 198 -19.34 14.66 4.80
CA PHE B 198 -20.28 14.37 5.85
C PHE B 198 -20.03 12.98 6.45
N SER B 199 -19.69 12.00 5.61
CA SER B 199 -19.44 10.65 6.15
C SER B 199 -18.19 10.58 7.04
N TYR B 200 -17.19 11.42 6.77
CA TYR B 200 -16.01 11.42 7.62
C TYR B 200 -16.41 12.03 8.96
N PHE B 201 -17.13 13.15 8.89
CA PHE B 201 -17.58 13.84 10.09
C PHE B 201 -18.31 12.88 11.03
N THR B 202 -19.39 12.25 10.56
CA THR B 202 -20.14 11.35 11.42
C THR B 202 -19.33 10.14 11.88
N SER B 203 -18.46 9.65 11.02
CA SER B 203 -17.62 8.51 11.34
C SER B 203 -16.65 8.84 12.48
N GLN B 204 -15.93 9.95 12.34
CA GLN B 204 -14.96 10.36 13.33
C GLN B 204 -15.51 11.10 14.54
N TYR B 205 -16.46 12.00 14.32
CA TYR B 205 -17.03 12.79 15.42
C TYR B 205 -18.16 12.09 16.15
N CYS B 206 -19.01 11.40 15.40
CA CYS B 206 -20.15 10.72 16.02
C CYS B 206 -19.90 9.24 16.22
N GLU B 207 -18.74 8.78 15.78
CA GLU B 207 -18.38 7.37 15.91
C GLU B 207 -19.41 6.45 15.27
N ALA B 208 -19.92 6.86 14.11
CA ALA B 208 -20.91 6.05 13.41
C ALA B 208 -20.28 5.27 12.26
N ASP B 209 -20.94 4.19 11.85
CA ASP B 209 -20.47 3.43 10.70
C ASP B 209 -21.09 4.24 9.55
N ALA B 210 -20.30 5.16 9.01
CA ALA B 210 -20.71 6.05 7.94
C ALA B 210 -20.07 5.72 6.60
N PHE B 211 -20.86 5.87 5.55
CA PHE B 211 -20.39 5.59 4.20
C PHE B 211 -20.97 6.59 3.22
N THR B 212 -20.18 6.94 2.21
CA THR B 212 -20.67 7.81 1.17
C THR B 212 -20.98 6.80 0.06
N LEU B 213 -22.20 6.82 -0.46
CA LEU B 213 -22.59 5.89 -1.53
C LEU B 213 -22.90 6.60 -2.84
N GLU B 214 -22.12 6.24 -3.87
CA GLU B 214 -22.28 6.74 -5.23
C GLU B 214 -23.10 5.65 -5.88
N LEU B 215 -24.41 5.90 -5.96
CA LEU B 215 -25.36 4.92 -6.48
C LEU B 215 -25.60 4.90 -7.98
N GLY B 216 -24.98 5.82 -8.71
CA GLY B 216 -25.18 5.85 -10.14
C GLY B 216 -25.15 7.20 -10.82
N LYS B 217 -25.90 7.29 -11.90
CA LYS B 217 -25.97 8.49 -12.73
C LYS B 217 -26.86 9.62 -12.21
N ALA B 218 -26.33 10.83 -12.30
CA ALA B 218 -27.05 12.02 -11.89
C ALA B 218 -28.05 12.36 -12.99
N ARG B 219 -29.28 12.67 -12.59
CA ARG B 219 -30.33 13.03 -13.54
C ARG B 219 -31.30 13.98 -12.83
N PRO B 220 -32.00 14.83 -13.60
CA PRO B 220 -32.94 15.75 -12.95
C PRO B 220 -34.10 14.89 -12.43
N PHE B 221 -34.93 15.46 -11.57
CA PHE B 221 -36.08 14.72 -11.04
C PHE B 221 -36.95 14.29 -12.23
N GLY B 222 -37.59 13.12 -12.11
CA GLY B 222 -38.45 12.65 -13.18
C GLY B 222 -37.72 11.91 -14.29
N GLN B 223 -36.40 11.96 -14.25
CA GLN B 223 -35.60 11.29 -15.25
C GLN B 223 -34.75 10.17 -14.66
N ASN B 224 -35.05 9.76 -13.43
CA ASN B 224 -34.29 8.67 -12.82
C ASN B 224 -35.04 7.36 -13.02
N ASP B 225 -34.31 6.31 -13.36
CA ASP B 225 -34.88 4.98 -13.53
C ASP B 225 -34.71 4.34 -12.15
N LEU B 226 -35.70 4.52 -11.28
CA LEU B 226 -35.64 3.98 -9.93
C LEU B 226 -35.37 2.48 -9.89
N SER B 227 -35.60 1.81 -11.02
CA SER B 227 -35.36 0.37 -11.14
C SER B 227 -33.87 0.11 -10.96
N ARG B 228 -33.07 1.05 -11.48
CA ARG B 228 -31.62 0.97 -11.40
C ARG B 228 -31.10 1.20 -9.99
N PHE B 229 -32.02 1.42 -9.05
CA PHE B 229 -31.67 1.67 -7.65
C PHE B 229 -32.41 0.70 -6.74
N SER B 230 -32.95 -0.36 -7.33
CA SER B 230 -33.69 -1.36 -6.58
C SER B 230 -32.86 -1.96 -5.45
N GLY B 231 -31.58 -2.18 -5.72
CA GLY B 231 -30.71 -2.74 -4.70
C GLY B 231 -30.68 -1.92 -3.43
N ILE B 232 -30.32 -0.64 -3.56
CA ILE B 232 -30.26 0.23 -2.39
C ILE B 232 -31.65 0.46 -1.81
N ASP B 233 -32.66 0.59 -2.68
CA ASP B 233 -34.02 0.78 -2.21
C ASP B 233 -34.50 -0.41 -1.38
N GLY B 234 -34.27 -1.63 -1.89
CA GLY B 234 -34.70 -2.81 -1.15
C GLY B 234 -33.95 -2.97 0.18
N ALA B 235 -32.63 -2.79 0.13
CA ALA B 235 -31.80 -2.94 1.33
C ALA B 235 -32.14 -1.94 2.42
N LEU B 236 -32.39 -0.69 2.04
CA LEU B 236 -32.71 0.35 3.03
C LEU B 236 -34.07 0.10 3.66
N ARG B 237 -35.02 -0.33 2.84
CA ARG B 237 -36.35 -0.64 3.33
C ARG B 237 -36.27 -1.80 4.30
N GLY B 238 -35.45 -2.80 3.96
CA GLY B 238 -35.28 -3.96 4.82
C GLY B 238 -34.59 -3.61 6.13
N LEU B 239 -33.71 -2.62 6.08
CA LEU B 239 -32.99 -2.18 7.28
C LEU B 239 -33.93 -1.50 8.26
N LEU B 240 -34.74 -0.60 7.75
CA LEU B 240 -35.68 0.15 8.57
C LEU B 240 -36.78 -0.78 9.11
N SER B 241 -37.25 -1.70 8.26
CA SER B 241 -38.30 -2.66 8.61
C SER B 241 -37.85 -3.64 9.69
N ASN B 242 -36.71 -4.27 9.45
CA ASN B 242 -36.16 -5.22 10.40
C ASN B 242 -34.64 -5.15 10.39
N PRO B 243 -34.08 -4.25 11.19
CA PRO B 243 -32.63 -4.05 11.30
C PRO B 243 -31.89 -5.26 11.87
N GLN B 244 -32.61 -6.15 12.55
CA GLN B 244 -31.99 -7.33 13.14
C GLN B 244 -31.86 -8.51 12.16
N ALA B 245 -32.29 -8.29 10.90
CA ALA B 245 -32.20 -9.35 9.89
C ALA B 245 -30.72 -9.72 9.70
N ASN B 246 -30.43 -11.01 9.56
CA ASN B 246 -29.04 -11.42 9.39
C ASN B 246 -28.52 -11.02 8.01
N VAL B 247 -27.20 -10.93 7.89
CA VAL B 247 -26.58 -10.57 6.62
C VAL B 247 -25.81 -11.79 6.10
N PRO B 248 -26.16 -12.26 4.88
CA PRO B 248 -25.50 -13.42 4.28
C PRO B 248 -24.02 -13.23 3.96
N ASP B 249 -23.21 -13.05 5.00
CA ASP B 249 -21.77 -12.83 4.86
C ASP B 249 -21.41 -12.00 3.63
N LEU B 250 -20.15 -12.05 3.25
CA LEU B 250 -19.67 -11.29 2.10
C LEU B 250 -18.62 -12.02 1.28
N ASP B 251 -18.98 -12.40 0.06
CA ASP B 251 -18.01 -13.09 -0.79
C ASP B 251 -17.06 -12.04 -1.33
N GLU B 252 -16.05 -11.75 -0.54
CA GLU B 252 -15.03 -10.76 -0.87
C GLU B 252 -14.52 -10.88 -2.30
N ASP B 253 -14.60 -12.08 -2.86
CA ASP B 253 -14.15 -12.32 -4.22
C ASP B 253 -14.82 -11.38 -5.21
N LYS B 254 -16.01 -10.88 -4.87
CA LYS B 254 -16.72 -9.98 -5.78
C LYS B 254 -16.93 -8.57 -5.19
N LEU B 255 -16.05 -8.17 -4.29
CA LEU B 255 -16.17 -6.84 -3.69
C LEU B 255 -14.77 -6.22 -3.57
N PRO B 256 -14.21 -5.78 -4.71
CA PRO B 256 -12.88 -5.16 -4.76
C PRO B 256 -12.73 -3.91 -3.89
N LEU B 257 -11.65 -3.88 -3.11
CA LEU B 257 -11.36 -2.76 -2.24
C LEU B 257 -10.18 -1.97 -2.78
N PHE B 258 -10.29 -0.64 -2.72
CA PHE B 258 -9.22 0.22 -3.19
C PHE B 258 -8.84 1.25 -2.12
N ARG B 259 -7.68 1.85 -2.29
CA ARG B 259 -7.16 2.88 -1.40
C ARG B 259 -6.37 3.88 -2.23
N ALA B 260 -6.29 5.12 -1.74
CA ALA B 260 -5.54 6.15 -2.45
C ALA B 260 -4.07 6.11 -2.05
N LYS B 261 -3.17 6.17 -3.04
CA LYS B 261 -1.74 6.14 -2.75
C LYS B 261 -1.13 7.54 -2.82
N TYR B 262 -1.69 8.39 -3.68
CA TYR B 262 -1.24 9.77 -3.81
C TYR B 262 -2.23 10.60 -4.59
N ASP B 263 -2.49 11.81 -4.11
CA ASP B 263 -3.43 12.73 -4.74
C ASP B 263 -2.76 13.66 -5.74
N LEU B 264 -3.41 14.81 -5.97
CA LEU B 264 -2.92 15.83 -6.89
C LEU B 264 -2.69 15.25 -8.28
N VAL B 265 -3.69 14.54 -8.80
CA VAL B 265 -3.60 13.94 -10.12
C VAL B 265 -4.88 14.14 -10.92
N LEU B 273 -5.70 15.47 -15.92
CA LEU B 273 -4.79 16.30 -16.71
C LEU B 273 -4.63 15.71 -18.11
N ASN B 274 -3.87 14.62 -18.20
CA ASN B 274 -3.65 13.95 -19.48
C ASN B 274 -4.73 12.91 -19.76
N LEU B 275 -5.95 13.21 -19.32
CA LEU B 275 -7.09 12.33 -19.52
C LEU B 275 -8.24 13.14 -20.09
N ALA B 276 -9.03 12.50 -20.95
CA ALA B 276 -10.18 13.14 -21.57
C ALA B 276 -11.11 13.71 -20.48
N ASP B 277 -11.83 14.77 -20.84
CA ASP B 277 -12.74 15.42 -19.91
C ASP B 277 -13.79 14.45 -19.37
N SER B 278 -14.25 13.53 -20.22
CA SER B 278 -15.26 12.57 -19.82
C SER B 278 -14.68 11.23 -19.33
N VAL B 279 -13.41 11.20 -18.93
CA VAL B 279 -12.79 9.97 -18.46
C VAL B 279 -13.59 9.43 -17.27
N GLU B 280 -13.82 8.12 -17.25
CA GLU B 280 -14.60 7.51 -16.17
C GLU B 280 -13.84 7.24 -14.89
N ASN B 281 -14.54 7.34 -13.76
CA ASN B 281 -13.95 7.05 -12.45
C ASN B 281 -13.48 5.61 -12.45
N PHE B 282 -12.36 5.36 -11.77
CA PHE B 282 -11.74 4.04 -11.65
C PHE B 282 -11.10 3.53 -12.94
N THR B 283 -10.85 4.43 -13.88
CA THR B 283 -10.22 4.05 -15.14
C THR B 283 -8.80 3.56 -14.82
N LEU B 284 -8.49 2.35 -15.25
CA LEU B 284 -7.18 1.76 -15.01
C LEU B 284 -6.09 2.51 -15.80
N LEU B 285 -4.97 2.78 -15.16
CA LEU B 285 -3.86 3.49 -15.81
C LEU B 285 -2.77 2.48 -16.22
N PRO B 286 -2.46 2.41 -17.51
CA PRO B 286 -1.45 1.49 -18.02
C PRO B 286 -0.05 1.82 -17.51
N ASP B 287 0.77 0.78 -17.38
CA ASP B 287 2.13 0.93 -16.90
C ASP B 287 2.94 1.85 -17.81
N GLY B 288 3.52 2.89 -17.22
CA GLY B 288 4.31 3.83 -17.99
C GLY B 288 3.50 4.94 -18.64
N MSE B 289 2.53 5.49 -17.91
CA MSE B 289 1.70 6.57 -18.44
C MSE B 289 2.04 7.88 -17.73
O MSE B 289 2.09 7.94 -16.51
CB MSE B 289 0.21 6.26 -18.24
CG MSE B 289 -0.71 7.21 -19.00
SE MSE B 289 -2.52 7.29 -18.26
CE MSE B 289 -2.71 9.22 -18.19
N LEU B 290 2.28 8.93 -18.52
CA LEU B 290 2.60 10.24 -17.96
C LEU B 290 1.36 10.83 -17.31
N ILE B 291 1.51 11.34 -16.09
CA ILE B 291 0.40 11.92 -15.34
C ILE B 291 -0.74 10.91 -15.26
N ALA B 292 -0.60 9.95 -14.36
CA ALA B 292 -1.60 8.91 -14.16
C ALA B 292 -2.87 9.47 -13.55
N ARG B 298 6.88 14.58 -12.18
CA ARG B 298 5.64 14.22 -12.85
C ARG B 298 5.17 12.82 -12.46
N TYR B 299 3.93 12.72 -12.01
CA TYR B 299 3.35 11.45 -11.60
C TYR B 299 3.29 10.50 -12.79
N GLN B 300 3.72 9.26 -12.60
CA GLN B 300 3.73 8.28 -13.68
C GLN B 300 3.13 6.94 -13.24
N ALA B 301 2.33 6.35 -14.12
CA ALA B 301 1.70 5.07 -13.84
C ALA B 301 2.70 3.92 -13.82
N THR B 302 2.51 3.01 -12.88
CA THR B 302 3.39 1.86 -12.73
C THR B 302 2.64 0.65 -12.18
N GLY B 303 2.91 -0.50 -12.79
CA GLY B 303 2.27 -1.73 -12.34
C GLY B 303 1.12 -2.14 -13.22
N GLY B 304 0.25 -1.18 -13.56
CA GLY B 304 -0.89 -1.50 -14.39
C GLY B 304 -2.12 -1.85 -13.59
N GLU B 305 -2.14 -1.47 -12.31
CA GLU B 305 -3.29 -1.76 -11.46
C GLU B 305 -3.81 -0.50 -10.77
N GLU B 306 -3.17 0.63 -11.04
CA GLU B 306 -3.60 1.90 -10.45
C GLU B 306 -4.78 2.46 -11.24
N ARG B 307 -5.67 3.17 -10.56
CA ARG B 307 -6.85 3.75 -11.19
C ARG B 307 -7.02 5.21 -10.81
N ILE B 308 -7.53 6.00 -11.75
CA ILE B 308 -7.77 7.41 -11.52
C ILE B 308 -9.17 7.58 -10.93
N LEU B 309 -9.32 8.50 -9.97
CA LEU B 309 -10.62 8.73 -9.36
C LEU B 309 -10.89 10.22 -9.14
N PHE B 310 -12.13 10.63 -9.42
CA PHE B 310 -12.53 12.02 -9.26
C PHE B 310 -11.58 12.98 -9.99
N PRO B 311 -11.43 12.79 -11.30
CA PRO B 311 -10.55 13.63 -12.12
C PRO B 311 -11.15 15.01 -12.38
N ASN B 312 -10.28 16.01 -12.39
CA ASN B 312 -10.70 17.38 -12.64
C ASN B 312 -9.48 18.31 -12.68
N PRO B 313 -9.05 18.68 -13.89
CA PRO B 313 -7.90 19.56 -14.10
C PRO B 313 -8.18 21.02 -13.72
N ALA B 321 -7.31 17.70 -7.55
CA ALA B 321 -7.52 17.57 -8.99
C ALA B 321 -7.59 16.10 -9.42
N GLY B 322 -7.84 15.22 -8.46
CA GLY B 322 -7.92 13.80 -8.77
C GLY B 322 -7.04 12.95 -7.87
N ILE B 323 -7.34 11.66 -7.76
CA ILE B 323 -6.56 10.77 -6.92
C ILE B 323 -6.28 9.44 -7.63
N VAL B 324 -5.09 8.90 -7.38
CA VAL B 324 -4.69 7.63 -7.97
C VAL B 324 -4.88 6.57 -6.89
N VAL B 325 -5.69 5.56 -7.18
CA VAL B 325 -5.95 4.50 -6.21
C VAL B 325 -5.36 3.17 -6.62
N GLU B 326 -5.22 2.27 -5.65
CA GLU B 326 -4.66 0.94 -5.86
C GLU B 326 -5.48 -0.09 -5.11
N PRO B 327 -5.33 -1.38 -5.47
CA PRO B 327 -6.09 -2.41 -4.77
C PRO B 327 -5.68 -2.44 -3.32
N ALA B 328 -6.66 -2.62 -2.43
CA ALA B 328 -6.40 -2.64 -1.00
C ALA B 328 -6.85 -3.94 -0.36
N ARG B 329 -6.39 -4.15 0.87
CA ARG B 329 -6.75 -5.33 1.64
C ARG B 329 -6.98 -4.92 3.08
N LEU B 330 -7.89 -5.60 3.75
CA LEU B 330 -8.19 -5.30 5.15
C LEU B 330 -7.05 -5.77 6.03
N PRO B 331 -6.79 -5.03 7.11
CA PRO B 331 -5.73 -5.37 8.05
C PRO B 331 -6.08 -4.84 9.43
ZN ZN C . 26.47 -2.77 1.76
ZN ZN D . -22.38 13.95 -4.88
#